data_7MH2
#
_entry.id   7MH2
#
_cell.length_a   1.00
_cell.length_b   1.00
_cell.length_c   1.00
_cell.angle_alpha   90.00
_cell.angle_beta   90.00
_cell.angle_gamma   90.00
#
_symmetry.space_group_name_H-M   'P 1'
#
_entity_poly.entity_id   1
_entity_poly.type   'polypeptide(L)'
_entity_poly.pdbx_seq_one_letter_code
;MNKSQLYPDSPLTDQDFNQLDQTVIEAARRQLVGRRFIELYGPLGRGMQSVFNDIFMESHEGGGEALAEALAEALAEALA
GGGAKMDFQGSFDTEVESSRRVNYTIPMLYKDFVLYWRDLEQSKALDIPIDFSVAANAARDVAFLEDQMIFHGSKEFDIP
GLMNVKGRLTHLIGNWYESGNAFQDIVEARNKLLEMNHNGPYALVLSPELYSLLHRVHKDTNVLEIEHVRELITAGVFQS
PVLKGKSGVIVNTGRNNLDLAISEDFETAYLGEEGMNHPFRVYETVVLRIKRPAAICTLIDPEEGGGGGGHHHHHH
;
_entity_poly.pdbx_strand_id   A,B,C,D
#
# COMPACT_ATOMS: atom_id res chain seq x y z
N ASN A 2 26.07 -16.56 30.63
CA ASN A 2 26.00 -17.95 31.06
C ASN A 2 24.57 -18.47 31.05
N LYS A 3 24.44 -19.79 31.12
CA LYS A 3 23.11 -20.41 31.12
C LYS A 3 22.37 -20.11 32.41
N SER A 4 23.09 -20.01 33.53
CA SER A 4 22.45 -19.80 34.83
C SER A 4 21.71 -18.47 34.88
N GLN A 5 22.34 -17.39 34.41
CA GLN A 5 21.68 -16.09 34.41
C GLN A 5 20.49 -16.08 33.46
N LEU A 6 20.64 -16.73 32.30
CA LEU A 6 19.55 -16.76 31.32
C LEU A 6 18.34 -17.51 31.87
N TYR A 7 18.57 -18.61 32.58
CA TYR A 7 17.49 -19.44 33.11
C TYR A 7 17.57 -19.48 34.63
N PRO A 8 16.93 -18.54 35.32
CA PRO A 8 16.79 -18.65 36.78
C PRO A 8 15.71 -19.67 37.12
N ASP A 9 15.54 -19.89 38.43
CA ASP A 9 14.57 -20.87 38.94
C ASP A 9 14.85 -22.27 38.37
N SER A 10 16.13 -22.61 38.23
CA SER A 10 16.54 -23.89 37.70
C SER A 10 17.41 -24.62 38.72
N PRO A 11 17.03 -25.82 39.15
CA PRO A 11 17.88 -26.55 40.10
C PRO A 11 19.26 -26.88 39.55
N LEU A 12 19.35 -27.15 38.24
CA LEU A 12 20.63 -27.50 37.63
C LEU A 12 21.56 -26.28 37.59
N THR A 13 22.85 -26.53 37.78
CA THR A 13 23.83 -25.46 37.84
C THR A 13 24.61 -25.36 36.53
N ASP A 14 25.51 -24.37 36.49
CA ASP A 14 26.27 -24.09 35.27
C ASP A 14 27.15 -25.28 34.88
N GLN A 15 27.79 -25.93 35.86
CA GLN A 15 28.59 -27.10 35.55
C GLN A 15 27.73 -28.23 35.00
N ASP A 16 26.54 -28.44 35.58
CA ASP A 16 25.69 -29.54 35.13
C ASP A 16 25.16 -29.28 33.73
N PHE A 17 24.98 -28.01 33.35
CA PHE A 17 24.56 -27.71 31.98
C PHE A 17 25.59 -28.22 30.96
N ASN A 18 26.88 -28.04 31.26
CA ASN A 18 27.91 -28.53 30.35
C ASN A 18 27.88 -30.05 30.24
N GLN A 19 27.69 -30.74 31.36
CA GLN A 19 27.61 -32.20 31.33
C GLN A 19 26.41 -32.67 30.51
N LEU A 20 25.28 -31.99 30.65
CA LEU A 20 24.11 -32.33 29.84
C LEU A 20 24.39 -32.13 28.35
N ASP A 21 25.03 -31.01 28.00
CA ASP A 21 25.32 -30.73 26.60
C ASP A 21 26.26 -31.78 26.01
N GLN A 22 27.26 -32.19 26.78
CA GLN A 22 28.19 -33.20 26.28
C GLN A 22 27.47 -34.52 25.98
N THR A 23 26.59 -34.94 26.88
CA THR A 23 25.83 -36.16 26.65
C THR A 23 24.95 -36.04 25.41
N VAL A 24 24.27 -34.90 25.25
CA VAL A 24 23.39 -34.74 24.10
C VAL A 24 24.17 -34.81 22.80
N ILE A 25 25.30 -34.10 22.72
CA ILE A 25 26.05 -34.06 21.48
C ILE A 25 26.68 -35.42 21.18
N GLU A 26 27.19 -36.11 22.22
CA GLU A 26 27.78 -37.42 21.99
C GLU A 26 26.72 -38.42 21.51
N ALA A 27 25.51 -38.36 22.07
CA ALA A 27 24.46 -39.24 21.61
C ALA A 27 24.09 -38.96 20.17
N ALA A 28 24.01 -37.68 19.79
CA ALA A 28 23.66 -37.33 18.41
C ALA A 28 24.74 -37.79 17.43
N ARG A 29 26.01 -37.71 17.84
CA ARG A 29 27.11 -37.95 16.91
C ARG A 29 27.07 -39.35 16.32
N ARG A 30 26.84 -40.37 17.16
CA ARG A 30 26.90 -41.74 16.68
C ARG A 30 25.72 -42.11 15.78
N GLN A 31 24.62 -41.37 15.85
CA GLN A 31 23.43 -41.69 15.07
C GLN A 31 23.18 -40.73 13.92
N LEU A 32 24.01 -39.69 13.76
CA LEU A 32 23.90 -38.77 12.63
C LEU A 32 24.66 -39.36 11.45
N VAL A 33 23.92 -39.80 10.42
CA VAL A 33 24.55 -40.49 9.29
C VAL A 33 24.80 -39.53 8.14
N GLY A 34 23.81 -38.71 7.79
CA GLY A 34 23.89 -37.93 6.56
C GLY A 34 25.03 -36.94 6.53
N ARG A 35 25.51 -36.51 7.70
CA ARG A 35 26.54 -35.47 7.77
C ARG A 35 27.85 -35.89 7.12
N ARG A 36 28.08 -37.18 6.90
CA ARG A 36 29.40 -37.65 6.50
C ARG A 36 29.77 -37.21 5.09
N PHE A 37 28.84 -37.31 4.14
CA PHE A 37 29.17 -37.00 2.75
C PHE A 37 28.59 -35.67 2.26
N ILE A 38 28.11 -34.82 3.16
CA ILE A 38 27.58 -33.50 2.80
C ILE A 38 28.25 -32.46 3.69
N GLU A 39 28.71 -31.37 3.07
CA GLU A 39 29.28 -30.25 3.82
C GLU A 39 28.17 -29.44 4.50
N LEU A 40 28.59 -28.45 5.29
CA LEU A 40 27.67 -27.62 6.05
C LEU A 40 27.87 -26.15 5.72
N TYR A 41 26.77 -25.42 5.56
CA TYR A 41 26.80 -23.97 5.54
C TYR A 41 27.03 -23.43 6.95
N GLY A 42 27.58 -22.22 7.04
CA GLY A 42 27.87 -21.62 8.31
C GLY A 42 26.61 -21.24 9.07
N PRO A 43 26.73 -21.06 10.39
CA PRO A 43 25.56 -20.65 11.18
C PRO A 43 25.11 -19.24 10.83
N LEU A 44 23.94 -19.13 10.21
CA LEU A 44 23.46 -17.82 9.75
C LEU A 44 23.11 -16.91 10.91
N GLY A 45 22.33 -17.41 11.87
CA GLY A 45 21.89 -16.64 13.01
C GLY A 45 20.38 -16.63 13.09
N ARG A 46 19.86 -15.74 13.94
CA ARG A 46 18.42 -15.58 14.12
C ARG A 46 17.85 -14.45 13.26
N GLY A 47 18.67 -13.81 12.43
CA GLY A 47 18.18 -12.67 11.66
C GLY A 47 17.17 -13.07 10.59
N MET A 48 17.38 -14.21 9.95
CA MET A 48 16.59 -14.61 8.78
C MET A 48 15.86 -15.92 9.06
N GLN A 49 14.70 -16.08 8.42
CA GLN A 49 13.90 -17.29 8.50
C GLN A 49 13.78 -17.99 7.15
N SER A 50 14.38 -17.43 6.10
CA SER A 50 14.25 -17.95 4.75
C SER A 50 15.55 -17.77 3.98
N VAL A 51 15.74 -18.61 2.97
CA VAL A 51 16.92 -18.61 2.13
C VAL A 51 16.51 -18.66 0.67
N PHE A 52 17.42 -18.26 -0.21
CA PHE A 52 17.20 -18.23 -1.65
C PHE A 52 18.08 -19.28 -2.33
N ASN A 53 17.49 -20.04 -3.23
CA ASN A 53 18.19 -21.08 -3.97
C ASN A 53 18.07 -20.83 -5.47
N ASP A 54 19.19 -20.95 -6.18
CA ASP A 54 19.24 -20.72 -7.62
C ASP A 54 19.53 -22.06 -8.31
N ILE A 55 18.63 -22.45 -9.21
CA ILE A 55 18.71 -23.77 -9.85
C ILE A 55 19.38 -23.64 -11.21
N PHE A 56 20.41 -24.45 -11.45
CA PHE A 56 21.03 -24.59 -12.76
C PHE A 56 20.65 -25.96 -13.30
N MET A 57 19.97 -25.98 -14.45
CA MET A 57 19.51 -27.22 -15.04
C MET A 57 19.94 -27.27 -16.50
N GLU A 58 20.14 -28.49 -16.99
CA GLU A 58 20.57 -28.74 -18.37
C GLU A 58 21.82 -27.94 -18.72
N ALA A 84 36.44 -22.34 -21.31
CA ALA A 84 37.77 -21.76 -21.20
C ALA A 84 38.40 -21.58 -22.58
N LYS A 85 39.16 -20.50 -22.75
CA LYS A 85 39.82 -20.20 -24.01
C LYS A 85 41.31 -19.99 -23.77
N MET A 86 42.12 -20.49 -24.70
CA MET A 86 43.58 -20.37 -24.62
C MET A 86 44.06 -19.46 -25.76
N ASP A 87 44.62 -18.31 -25.41
CA ASP A 87 45.15 -17.38 -26.38
C ASP A 87 46.16 -16.47 -25.71
N PHE A 88 46.97 -15.80 -26.52
CA PHE A 88 48.01 -14.92 -25.99
C PHE A 88 47.40 -13.74 -25.24
N GLN A 89 46.35 -13.14 -25.79
CA GLN A 89 45.64 -12.04 -25.16
C GLN A 89 44.18 -12.39 -25.00
N GLY A 90 43.62 -12.09 -23.82
CA GLY A 90 42.24 -12.45 -23.53
C GLY A 90 41.23 -11.56 -24.23
N SER A 91 40.02 -12.09 -24.38
CA SER A 91 38.92 -11.36 -25.00
C SER A 91 38.15 -10.60 -23.92
N PHE A 92 37.01 -10.02 -24.30
CA PHE A 92 36.19 -9.22 -23.39
C PHE A 92 34.80 -9.82 -23.16
N ASP A 93 34.61 -11.10 -23.48
CA ASP A 93 33.29 -11.71 -23.38
C ASP A 93 33.03 -12.23 -21.97
N THR A 94 31.76 -12.50 -21.69
CA THR A 94 31.33 -13.04 -20.41
C THR A 94 30.20 -14.03 -20.65
N GLU A 95 29.96 -14.89 -19.66
CA GLU A 95 28.95 -15.94 -19.76
C GLU A 95 28.06 -15.93 -18.53
N VAL A 96 26.79 -16.27 -18.73
CA VAL A 96 25.80 -16.35 -17.66
C VAL A 96 24.88 -17.53 -17.94
N GLU A 97 24.05 -17.89 -16.96
CA GLU A 97 23.12 -19.01 -17.08
C GLU A 97 21.77 -18.60 -16.49
N SER A 98 20.84 -19.55 -16.42
CA SER A 98 19.51 -19.31 -15.88
C SER A 98 19.49 -19.59 -14.38
N SER A 99 19.16 -18.58 -13.58
CA SER A 99 19.19 -18.73 -12.13
C SER A 99 17.94 -19.41 -11.61
N ARG A 100 16.76 -18.90 -11.97
CA ARG A 100 15.48 -19.44 -11.51
C ARG A 100 15.41 -19.46 -9.98
N ARG A 101 15.55 -18.28 -9.38
CA ARG A 101 15.61 -18.19 -7.93
C ARG A 101 14.29 -18.60 -7.29
N VAL A 102 14.38 -19.29 -6.16
CA VAL A 102 13.23 -19.75 -5.38
C VAL A 102 13.53 -19.47 -3.91
N ASN A 103 12.48 -19.44 -3.10
CA ASN A 103 12.57 -19.07 -1.69
C ASN A 103 12.10 -20.24 -0.82
N TYR A 104 12.86 -20.51 0.25
CA TYR A 104 12.59 -21.63 1.16
C TYR A 104 12.59 -21.15 2.60
N THR A 105 11.66 -21.66 3.40
CA THR A 105 11.59 -21.33 4.82
C THR A 105 12.33 -22.37 5.66
N ILE A 106 12.69 -22.00 6.88
CA ILE A 106 13.43 -22.86 7.79
C ILE A 106 12.47 -23.48 8.80
N PRO A 107 12.33 -24.80 8.84
CA PRO A 107 11.46 -25.44 9.84
C PRO A 107 12.17 -25.67 11.17
N MET A 108 11.41 -26.23 12.12
CA MET A 108 11.90 -26.53 13.47
C MET A 108 11.49 -27.95 13.88
N LEU A 109 12.37 -28.61 14.63
CA LEU A 109 12.11 -29.93 15.21
C LEU A 109 12.40 -29.91 16.70
N TYR A 110 11.70 -30.75 17.46
CA TYR A 110 11.86 -30.73 18.91
C TYR A 110 11.44 -32.05 19.54
N LYS A 111 11.85 -32.23 20.80
CA LYS A 111 11.47 -33.35 21.65
C LYS A 111 11.73 -32.94 23.10
N ASP A 112 11.04 -33.60 24.03
CA ASP A 112 11.09 -33.20 25.43
C ASP A 112 11.21 -34.41 26.35
N PHE A 113 11.72 -34.17 27.56
CA PHE A 113 11.87 -35.19 28.59
C PHE A 113 11.65 -34.55 29.96
N VAL A 114 11.57 -35.39 30.99
CA VAL A 114 11.26 -34.94 32.34
C VAL A 114 12.27 -35.52 33.32
N LEU A 115 12.50 -34.79 34.42
CA LEU A 115 13.38 -35.21 35.49
C LEU A 115 12.61 -35.17 36.81
N TYR A 116 12.73 -36.24 37.60
CA TYR A 116 12.04 -36.31 38.88
C TYR A 116 12.86 -35.64 39.98
N TRP A 117 12.17 -35.23 41.04
CA TRP A 117 12.82 -34.73 42.23
C TRP A 117 12.95 -35.86 43.24
N ARG A 118 13.41 -35.53 44.45
CA ARG A 118 13.58 -36.45 45.58
C ARG A 118 14.75 -37.40 45.33
N ASP A 119 15.29 -37.38 44.12
CA ASP A 119 16.57 -38.02 43.80
C ASP A 119 17.66 -37.00 43.50
N LEU A 120 17.30 -35.88 42.87
CA LEU A 120 18.24 -34.77 42.73
C LEU A 120 18.65 -34.23 44.09
N GLU A 121 17.69 -34.15 45.02
CA GLU A 121 18.02 -33.72 46.38
C GLU A 121 18.98 -34.69 47.05
N GLN A 122 18.76 -36.00 46.86
CA GLN A 122 19.66 -37.00 47.43
C GLN A 122 21.05 -36.87 46.85
N SER A 123 21.14 -36.65 45.53
CA SER A 123 22.44 -36.47 44.89
C SER A 123 23.16 -35.25 45.45
N LYS A 124 22.43 -34.15 45.63
CA LYS A 124 23.03 -32.95 46.21
C LYS A 124 23.53 -33.21 47.62
N ALA A 125 22.74 -33.94 48.41
CA ALA A 125 23.12 -34.20 49.81
C ALA A 125 24.36 -35.09 49.88
N LEU A 126 24.43 -36.13 49.04
CA LEU A 126 25.53 -37.07 49.09
C LEU A 126 26.74 -36.65 48.25
N ASP A 127 26.63 -35.56 47.48
CA ASP A 127 27.70 -34.96 46.66
C ASP A 127 28.07 -35.84 45.46
N ILE A 128 27.31 -36.90 45.19
CA ILE A 128 27.56 -37.76 44.04
C ILE A 128 27.10 -37.07 42.77
N PRO A 129 27.63 -37.42 41.60
CA PRO A 129 27.19 -36.79 40.36
C PRO A 129 25.77 -37.19 39.97
N ILE A 130 25.14 -36.33 39.16
CA ILE A 130 23.75 -36.52 38.76
C ILE A 130 23.68 -37.42 37.53
N ASP A 131 22.54 -38.06 37.34
CA ASP A 131 22.32 -38.98 36.23
C ASP A 131 21.52 -38.28 35.13
N PHE A 132 22.01 -38.39 33.88
CA PHE A 132 21.40 -37.73 32.74
C PHE A 132 21.16 -38.70 31.58
N SER A 133 20.76 -39.94 31.89
CA SER A 133 20.67 -40.96 30.85
C SER A 133 19.48 -40.72 29.92
N VAL A 134 18.47 -39.97 30.39
CA VAL A 134 17.21 -39.87 29.65
C VAL A 134 17.41 -39.13 28.33
N ALA A 135 18.30 -38.13 28.32
CA ALA A 135 18.39 -37.23 27.18
C ALA A 135 18.75 -37.96 25.90
N ALA A 136 19.50 -39.06 26.01
CA ALA A 136 19.96 -39.76 24.81
C ALA A 136 18.80 -40.32 24.00
N ASN A 137 17.72 -40.71 24.67
CA ASN A 137 16.57 -41.26 23.95
C ASN A 137 15.96 -40.23 23.01
N ALA A 138 15.81 -38.99 23.48
CA ALA A 138 15.29 -37.94 22.60
C ALA A 138 16.33 -37.51 21.57
N ALA A 139 17.60 -37.53 21.94
CA ALA A 139 18.65 -37.13 21.01
C ALA A 139 18.72 -38.08 19.82
N ARG A 140 18.41 -39.35 20.03
CA ARG A 140 18.39 -40.29 18.92
C ARG A 140 17.18 -40.05 18.01
N ASP A 141 16.02 -39.80 18.60
CA ASP A 141 14.79 -39.66 17.81
C ASP A 141 14.82 -38.40 16.96
N VAL A 142 15.36 -37.30 17.49
CA VAL A 142 15.43 -36.08 16.69
C VAL A 142 16.33 -36.28 15.47
N ALA A 143 17.44 -36.99 15.65
CA ALA A 143 18.33 -37.29 14.52
C ALA A 143 17.64 -38.18 13.50
N PHE A 144 16.87 -39.16 13.97
CA PHE A 144 16.12 -40.02 13.05
C PHE A 144 15.13 -39.21 12.22
N LEU A 145 14.43 -38.27 12.87
CA LEU A 145 13.47 -37.43 12.14
C LEU A 145 14.19 -36.55 11.12
N GLU A 146 15.35 -36.00 11.49
CA GLU A 146 16.12 -35.19 10.54
C GLU A 146 16.55 -36.01 9.33
N ASP A 147 16.99 -37.25 9.56
CA ASP A 147 17.38 -38.12 8.44
C ASP A 147 16.19 -38.38 7.53
N GLN A 148 15.02 -38.66 8.11
CA GLN A 148 13.84 -38.89 7.29
C GLN A 148 13.49 -37.67 6.47
N MET A 149 13.57 -36.47 7.07
CA MET A 149 13.27 -35.25 6.33
C MET A 149 14.24 -35.05 5.18
N ILE A 150 15.54 -35.31 5.40
CA ILE A 150 16.52 -35.14 4.34
C ILE A 150 16.24 -36.10 3.20
N PHE A 151 15.94 -37.36 3.53
CA PHE A 151 15.82 -38.37 2.48
C PHE A 151 14.52 -38.23 1.71
N HIS A 152 13.40 -37.92 2.38
CA HIS A 152 12.11 -37.92 1.71
C HIS A 152 11.47 -36.54 1.57
N GLY A 153 11.92 -35.55 2.32
CA GLY A 153 11.38 -34.21 2.19
C GLY A 153 10.13 -33.99 3.03
N SER A 154 9.63 -32.76 2.97
CA SER A 154 8.47 -32.33 3.74
C SER A 154 7.38 -31.87 2.78
N LYS A 155 6.13 -32.28 3.06
CA LYS A 155 5.01 -31.89 2.21
C LYS A 155 4.39 -30.57 2.66
N GLU A 156 4.48 -30.26 3.95
CA GLU A 156 3.88 -29.02 4.46
C GLU A 156 4.54 -27.80 3.85
N PHE A 157 5.87 -27.80 3.77
CA PHE A 157 6.63 -26.70 3.19
C PHE A 157 7.03 -26.94 1.74
N ASP A 158 6.57 -28.04 1.14
CA ASP A 158 6.80 -28.39 -0.27
C ASP A 158 8.26 -28.21 -0.69
N ILE A 159 9.18 -28.67 0.15
CA ILE A 159 10.59 -28.69 -0.19
C ILE A 159 10.91 -30.03 -0.84
N PRO A 160 11.76 -30.06 -1.88
CA PRO A 160 12.03 -31.32 -2.57
C PRO A 160 12.96 -32.23 -1.78
N GLY A 161 12.95 -33.51 -2.16
CA GLY A 161 13.84 -34.48 -1.56
C GLY A 161 14.68 -35.18 -2.60
N LEU A 162 15.67 -35.95 -2.15
CA LEU A 162 16.58 -36.63 -3.07
C LEU A 162 15.84 -37.64 -3.93
N MET A 163 14.92 -38.41 -3.33
CA MET A 163 14.25 -39.47 -4.06
C MET A 163 13.27 -38.90 -5.10
N ASN A 164 12.59 -37.81 -4.78
CA ASN A 164 11.54 -37.28 -5.64
C ASN A 164 11.98 -36.06 -6.45
N VAL A 165 13.27 -35.74 -6.48
CA VAL A 165 13.73 -34.59 -7.25
C VAL A 165 13.57 -34.88 -8.74
N LYS A 166 13.41 -33.83 -9.53
CA LYS A 166 13.21 -33.95 -10.96
C LYS A 166 14.55 -34.16 -11.69
N GLY A 167 14.48 -34.90 -12.80
CA GLY A 167 15.67 -35.21 -13.59
C GLY A 167 16.71 -36.00 -12.82
N ARG A 168 16.30 -37.12 -12.22
CA ARG A 168 17.16 -37.90 -11.35
C ARG A 168 17.92 -39.01 -12.06
N LEU A 169 17.68 -39.21 -13.36
CA LEU A 169 18.43 -40.16 -14.18
C LEU A 169 18.36 -41.59 -13.61
N THR A 170 17.13 -42.11 -13.56
CA THR A 170 16.88 -43.42 -12.95
C THR A 170 17.56 -44.55 -13.72
N HIS A 171 17.80 -45.65 -13.00
CA HIS A 171 18.31 -46.89 -13.58
C HIS A 171 17.54 -48.05 -12.99
N LEU A 172 17.55 -49.18 -13.70
CA LEU A 172 16.82 -50.38 -13.27
C LEU A 172 17.80 -51.52 -13.03
N ILE A 173 17.60 -52.23 -11.92
CA ILE A 173 18.45 -53.35 -11.53
C ILE A 173 17.55 -54.52 -11.13
N GLY A 174 18.13 -55.72 -11.14
CA GLY A 174 17.39 -56.90 -10.73
C GLY A 174 18.30 -58.10 -10.54
N ASN A 175 17.81 -59.04 -9.73
CA ASN A 175 18.44 -60.35 -9.54
C ASN A 175 19.88 -60.23 -9.05
N TRP A 176 20.02 -59.70 -7.83
CA TRP A 176 21.33 -59.59 -7.21
C TRP A 176 21.79 -60.88 -6.53
N TYR A 177 20.96 -61.92 -6.55
CA TYR A 177 21.31 -63.17 -5.85
C TYR A 177 22.56 -63.81 -6.43
N GLU A 178 22.53 -64.13 -7.73
CA GLU A 178 23.66 -64.78 -8.35
C GLU A 178 24.86 -63.85 -8.42
N SER A 179 26.05 -64.43 -8.37
CA SER A 179 27.27 -63.64 -8.29
C SER A 179 27.55 -62.91 -9.60
N GLY A 180 28.10 -61.70 -9.48
CA GLY A 180 28.55 -60.94 -10.62
C GLY A 180 27.55 -59.99 -11.22
N ASN A 181 26.29 -60.01 -10.77
CA ASN A 181 25.28 -59.13 -11.36
C ASN A 181 25.42 -57.70 -10.85
N ALA A 182 25.82 -57.53 -9.59
CA ALA A 182 25.86 -56.19 -8.99
C ALA A 182 26.88 -55.30 -9.68
N PHE A 183 28.04 -55.86 -10.02
CA PHE A 183 29.11 -55.05 -10.61
C PHE A 183 28.70 -54.47 -11.96
N GLN A 184 28.00 -55.27 -12.78
CA GLN A 184 27.54 -54.78 -14.07
C GLN A 184 26.57 -53.61 -13.91
N ASP A 185 25.64 -53.71 -12.97
CA ASP A 185 24.71 -52.61 -12.73
C ASP A 185 25.44 -51.36 -12.25
N ILE A 186 26.43 -51.55 -11.37
CA ILE A 186 27.18 -50.39 -10.87
C ILE A 186 27.91 -49.69 -12.01
N VAL A 187 28.57 -50.47 -12.88
CA VAL A 187 29.33 -49.86 -13.97
C VAL A 187 28.38 -49.20 -14.97
N GLU A 188 27.19 -49.78 -15.18
CA GLU A 188 26.21 -49.16 -16.06
C GLU A 188 25.77 -47.80 -15.53
N ALA A 189 25.51 -47.72 -14.22
CA ALA A 189 25.14 -46.43 -13.64
C ALA A 189 26.28 -45.43 -13.75
N ARG A 190 27.51 -45.89 -13.54
CA ARG A 190 28.66 -44.98 -13.62
C ARG A 190 28.82 -44.42 -15.02
N ASN A 191 28.59 -45.25 -16.05
CA ASN A 191 28.67 -44.77 -17.42
C ASN A 191 27.65 -43.68 -17.70
N LYS A 192 26.41 -43.86 -17.21
CA LYS A 192 25.37 -42.86 -17.40
C LYS A 192 25.76 -41.55 -16.70
N LEU A 193 26.34 -41.65 -15.50
CA LEU A 193 26.79 -40.44 -14.82
C LEU A 193 27.92 -39.77 -15.60
N LEU A 194 28.81 -40.56 -16.20
CA LEU A 194 29.95 -39.98 -16.91
C LEU A 194 29.53 -39.28 -18.19
N GLU A 195 28.54 -39.84 -18.90
CA GLU A 195 28.18 -39.28 -20.21
C GLU A 195 27.68 -37.84 -20.10
N MET A 196 27.19 -37.44 -18.93
CA MET A 196 26.72 -36.08 -18.70
C MET A 196 27.80 -35.14 -18.18
N ASN A 197 29.07 -35.45 -18.43
CA ASN A 197 30.20 -34.59 -18.04
C ASN A 197 30.25 -34.38 -16.53
N HIS A 198 29.96 -35.45 -15.77
CA HIS A 198 30.09 -35.45 -14.31
C HIS A 198 31.08 -36.54 -13.93
N ASN A 199 32.34 -36.18 -13.73
CA ASN A 199 33.40 -37.11 -13.37
C ASN A 199 34.01 -36.64 -12.06
N GLY A 200 33.78 -37.41 -11.00
CA GLY A 200 34.28 -37.07 -9.68
C GLY A 200 34.03 -38.19 -8.70
N PRO A 201 34.40 -37.98 -7.43
CA PRO A 201 34.12 -38.99 -6.41
C PRO A 201 32.63 -39.26 -6.29
N TYR A 202 32.28 -40.53 -6.10
CA TYR A 202 30.91 -40.96 -5.94
C TYR A 202 30.73 -41.64 -4.59
N ALA A 203 29.54 -41.49 -4.02
CA ALA A 203 29.18 -42.16 -2.77
C ALA A 203 27.92 -42.97 -3.00
N LEU A 204 27.82 -44.11 -2.30
CA LEU A 204 26.73 -45.05 -2.52
C LEU A 204 26.00 -45.30 -1.20
N VAL A 205 24.67 -45.24 -1.24
CA VAL A 205 23.83 -45.57 -0.09
C VAL A 205 22.87 -46.67 -0.50
N LEU A 206 22.83 -47.74 0.29
CA LEU A 206 22.02 -48.92 -0.03
C LEU A 206 21.13 -49.29 1.15
N SER A 207 20.11 -50.10 0.84
CA SER A 207 19.18 -50.58 1.85
C SER A 207 19.83 -51.70 2.68
N PRO A 208 19.35 -51.91 3.91
CA PRO A 208 19.92 -52.99 4.74
C PRO A 208 19.80 -54.36 4.10
N GLU A 209 18.70 -54.61 3.39
CA GLU A 209 18.54 -55.91 2.73
C GLU A 209 19.60 -56.11 1.64
N LEU A 210 19.85 -55.09 0.83
CA LEU A 210 20.87 -55.21 -0.21
C LEU A 210 22.27 -55.29 0.40
N TYR A 211 22.46 -54.68 1.57
CA TYR A 211 23.75 -54.77 2.25
C TYR A 211 24.10 -56.21 2.58
N SER A 212 23.11 -56.97 3.07
CA SER A 212 23.34 -58.39 3.39
C SER A 212 23.66 -59.19 2.14
N LEU A 213 22.96 -58.92 1.04
CA LEU A 213 23.23 -59.63 -0.20
C LEU A 213 24.63 -59.33 -0.72
N LEU A 214 25.08 -58.09 -0.57
CA LEU A 214 26.46 -57.75 -0.94
C LEU A 214 27.46 -58.52 -0.08
N HIS A 215 27.28 -58.47 1.25
CA HIS A 215 28.15 -59.22 2.16
C HIS A 215 27.57 -60.63 2.34
N ARG A 216 27.83 -61.48 1.36
CA ARG A 216 27.27 -62.82 1.36
C ARG A 216 28.33 -63.82 0.92
N VAL A 217 28.17 -65.07 1.34
CA VAL A 217 29.07 -66.16 0.97
C VAL A 217 28.43 -66.92 -0.17
N HIS A 218 29.14 -67.02 -1.29
CA HIS A 218 28.66 -67.73 -2.46
C HIS A 218 29.38 -69.06 -2.58
N LYS A 219 28.61 -70.15 -2.68
CA LYS A 219 29.21 -71.47 -2.84
C LYS A 219 29.88 -71.60 -4.20
N ASP A 220 30.88 -72.49 -4.26
CA ASP A 220 31.64 -72.89 -5.44
C ASP A 220 32.39 -71.73 -6.08
N THR A 221 32.28 -70.51 -5.55
CA THR A 221 32.95 -69.36 -6.14
C THR A 221 33.79 -68.62 -5.09
N ASN A 222 33.30 -68.61 -3.84
CA ASN A 222 33.97 -67.98 -2.70
C ASN A 222 34.56 -66.61 -3.04
N VAL A 223 33.70 -65.70 -3.47
CA VAL A 223 34.10 -64.33 -3.81
C VAL A 223 33.43 -63.39 -2.82
N LEU A 224 34.23 -62.51 -2.21
CA LEU A 224 33.69 -61.53 -1.28
C LEU A 224 32.76 -60.54 -1.98
N GLU A 225 33.14 -60.12 -3.18
CA GLU A 225 32.36 -59.31 -4.12
C GLU A 225 32.25 -57.85 -3.70
N ILE A 226 32.90 -57.43 -2.61
CA ILE A 226 32.92 -56.03 -2.22
C ILE A 226 34.28 -55.38 -2.40
N GLU A 227 35.36 -56.17 -2.46
CA GLU A 227 36.67 -55.59 -2.69
C GLU A 227 36.76 -54.95 -4.07
N HIS A 228 36.16 -55.58 -5.08
CA HIS A 228 36.15 -55.00 -6.42
C HIS A 228 35.36 -53.69 -6.43
N VAL A 229 34.22 -53.67 -5.76
CA VAL A 229 33.35 -52.49 -5.79
C VAL A 229 33.98 -51.33 -5.02
N ARG A 230 34.66 -51.61 -3.91
CA ARG A 230 35.18 -50.53 -3.06
C ARG A 230 36.20 -49.68 -3.81
N GLU A 231 36.88 -50.25 -4.81
CA GLU A 231 37.90 -49.51 -5.53
C GLU A 231 37.30 -48.36 -6.34
N LEU A 232 36.20 -48.62 -7.05
CA LEU A 232 35.65 -47.61 -7.95
C LEU A 232 34.96 -46.49 -7.19
N ILE A 233 34.20 -46.82 -6.15
CA ILE A 233 33.36 -45.83 -5.48
C ILE A 233 34.21 -44.74 -4.83
N THR A 234 35.23 -45.15 -4.07
CA THR A 234 36.31 -44.35 -3.48
C THR A 234 35.84 -43.36 -2.41
N ALA A 235 34.54 -43.25 -2.15
CA ALA A 235 34.07 -42.35 -1.10
C ALA A 235 33.15 -43.02 -0.08
N GLY A 236 32.82 -44.29 -0.27
CA GLY A 236 32.12 -44.98 0.80
C GLY A 236 30.77 -45.52 0.36
N VAL A 237 30.45 -46.69 0.91
CA VAL A 237 29.15 -47.32 0.78
C VAL A 237 28.53 -47.38 2.18
N PHE A 238 27.29 -46.91 2.30
CA PHE A 238 26.65 -46.75 3.59
C PHE A 238 25.30 -47.45 3.61
N GLN A 239 24.83 -47.73 4.82
CA GLN A 239 23.55 -48.37 5.05
C GLN A 239 22.66 -47.45 5.87
N SER A 240 21.44 -47.23 5.39
CA SER A 240 20.50 -46.34 6.06
C SER A 240 19.20 -47.08 6.33
N PRO A 241 18.67 -47.00 7.56
CA PRO A 241 17.41 -47.68 7.86
C PRO A 241 16.16 -46.97 7.35
N VAL A 242 16.28 -45.74 6.84
CA VAL A 242 15.11 -45.01 6.38
C VAL A 242 14.52 -45.68 5.13
N LEU A 243 15.37 -46.17 4.24
CA LEU A 243 14.92 -46.82 3.02
C LEU A 243 14.30 -48.16 3.38
N LYS A 244 13.01 -48.31 3.07
CA LYS A 244 12.27 -49.49 3.52
C LYS A 244 12.51 -50.69 2.62
N GLY A 245 12.31 -50.53 1.32
CA GLY A 245 12.42 -51.65 0.40
C GLY A 245 13.80 -51.77 -0.23
N LYS A 246 13.86 -52.30 -1.44
CA LYS A 246 15.13 -52.46 -2.17
C LYS A 246 15.36 -51.21 -3.02
N SER A 247 16.31 -50.38 -2.60
CA SER A 247 16.58 -49.13 -3.29
C SER A 247 18.00 -48.68 -2.98
N GLY A 248 18.53 -47.81 -3.83
CA GLY A 248 19.87 -47.30 -3.64
C GLY A 248 20.09 -46.00 -4.39
N VAL A 249 21.04 -45.21 -3.90
CA VAL A 249 21.35 -43.94 -4.52
C VAL A 249 22.85 -43.79 -4.69
N ILE A 250 23.25 -43.19 -5.81
CA ILE A 250 24.63 -42.85 -6.11
C ILE A 250 24.69 -41.33 -6.27
N VAL A 251 25.52 -40.68 -5.46
CA VAL A 251 25.56 -39.23 -5.39
C VAL A 251 26.99 -38.75 -5.64
N ASN A 252 27.14 -37.81 -6.56
CA ASN A 252 28.41 -37.11 -6.73
C ASN A 252 28.58 -36.10 -5.59
N THR A 253 29.80 -35.99 -5.07
CA THR A 253 30.09 -35.18 -3.90
C THR A 253 30.81 -33.91 -4.32
N GLY A 254 30.23 -32.76 -3.96
CA GLY A 254 30.87 -31.49 -4.22
C GLY A 254 30.12 -30.37 -3.54
N ARG A 255 30.81 -29.26 -3.34
CA ARG A 255 30.17 -28.08 -2.75
C ARG A 255 29.12 -27.51 -3.69
N ASN A 256 29.42 -27.47 -4.99
CA ASN A 256 28.49 -26.86 -5.94
C ASN A 256 27.20 -27.65 -6.07
N ASN A 257 27.29 -28.98 -6.09
CA ASN A 257 26.11 -29.79 -6.36
C ASN A 257 25.04 -29.65 -5.28
N LEU A 258 25.44 -29.72 -4.01
CA LEU A 258 24.45 -29.67 -2.93
C LEU A 258 25.08 -29.11 -1.68
N ASP A 259 24.24 -28.61 -0.78
CA ASP A 259 24.72 -28.11 0.50
C ASP A 259 23.57 -28.12 1.51
N LEU A 260 23.93 -27.92 2.77
CA LEU A 260 22.97 -27.95 3.87
C LEU A 260 23.20 -26.73 4.76
N ALA A 261 22.10 -26.04 5.11
CA ALA A 261 22.16 -24.78 5.83
C ALA A 261 21.50 -24.92 7.20
N ILE A 262 22.20 -24.47 8.24
CA ILE A 262 21.76 -24.60 9.63
C ILE A 262 21.59 -23.21 10.22
N SER A 263 20.40 -22.92 10.74
CA SER A 263 20.19 -21.66 11.44
C SER A 263 20.66 -21.76 12.88
N GLU A 264 20.31 -22.85 13.57
CA GLU A 264 20.75 -23.08 14.94
C GLU A 264 20.90 -24.58 15.15
N ASP A 265 21.92 -24.96 15.92
CA ASP A 265 22.23 -26.36 16.13
C ASP A 265 21.45 -26.88 17.34
N PHE A 266 21.81 -28.07 17.83
CA PHE A 266 21.10 -28.67 18.96
C PHE A 266 21.15 -27.73 20.17
N GLU A 267 20.00 -27.48 20.78
CA GLU A 267 19.94 -26.60 21.93
C GLU A 267 18.91 -27.14 22.92
N THR A 268 19.13 -26.79 24.20
CA THR A 268 18.31 -27.27 25.30
C THR A 268 17.69 -26.09 26.04
N ALA A 269 16.43 -26.26 26.46
CA ALA A 269 15.71 -25.21 27.16
C ALA A 269 14.92 -25.84 28.31
N TYR A 270 14.60 -25.01 29.31
CA TYR A 270 13.89 -25.42 30.52
C TYR A 270 12.48 -24.86 30.48
N LEU A 271 11.47 -25.74 30.41
CA LEU A 271 10.12 -25.27 30.15
C LEU A 271 9.53 -24.49 31.33
N GLY A 272 9.66 -25.04 32.54
CA GLY A 272 9.05 -24.40 33.69
C GLY A 272 9.07 -25.31 34.90
N GLU A 273 8.14 -25.07 35.82
CA GLU A 273 8.06 -25.82 37.07
C GLU A 273 6.62 -26.27 37.32
N GLU A 274 6.25 -27.41 36.73
CA GLU A 274 4.96 -28.01 37.02
C GLU A 274 5.07 -29.02 38.15
N GLY A 275 4.04 -29.07 38.99
CA GLY A 275 4.09 -29.93 40.16
C GLY A 275 5.30 -29.59 41.01
N MET A 276 6.20 -30.56 41.14
CA MET A 276 7.50 -30.31 41.74
C MET A 276 8.67 -30.77 40.86
N ASN A 277 8.38 -31.32 39.68
CA ASN A 277 9.42 -31.81 38.79
C ASN A 277 9.81 -30.75 37.77
N HIS A 278 10.77 -31.10 36.91
CA HIS A 278 11.36 -30.14 35.99
C HIS A 278 11.33 -30.67 34.56
N PRO A 279 10.58 -30.03 33.65
CA PRO A 279 10.58 -30.47 32.25
C PRO A 279 11.57 -29.70 31.36
N PHE A 280 12.21 -30.42 30.43
CA PHE A 280 13.19 -29.85 29.52
C PHE A 280 12.82 -30.18 28.08
N ARG A 281 13.40 -29.42 27.15
CA ARG A 281 13.15 -29.58 25.72
C ARG A 281 14.46 -29.43 24.96
N VAL A 282 14.55 -30.09 23.81
CA VAL A 282 15.69 -29.98 22.89
C VAL A 282 15.16 -29.66 21.50
N TYR A 283 15.84 -28.76 20.80
CA TYR A 283 15.37 -28.30 19.51
C TYR A 283 16.53 -28.05 18.56
N GLU A 284 16.21 -28.02 17.26
CA GLU A 284 17.17 -27.86 16.19
C GLU A 284 16.44 -27.39 14.93
N THR A 285 17.18 -26.68 14.06
CA THR A 285 16.67 -26.19 12.78
C THR A 285 17.68 -26.49 11.68
N VAL A 286 17.20 -26.86 10.50
CA VAL A 286 18.07 -27.27 9.39
C VAL A 286 17.27 -27.22 8.10
N VAL A 287 17.99 -27.12 6.97
CA VAL A 287 17.38 -27.16 5.64
C VAL A 287 18.44 -27.62 4.63
N LEU A 288 17.98 -28.05 3.46
CA LEU A 288 18.85 -28.61 2.42
C LEU A 288 18.61 -27.89 1.09
N ARG A 289 19.68 -27.68 0.32
CA ARG A 289 19.59 -27.06 -0.99
C ARG A 289 20.33 -27.91 -2.02
N ILE A 290 19.68 -28.16 -3.16
CA ILE A 290 20.23 -28.94 -4.26
C ILE A 290 20.33 -28.00 -5.47
N LYS A 291 21.56 -27.69 -5.88
CA LYS A 291 21.71 -26.73 -6.97
C LYS A 291 21.60 -27.39 -8.35
N ARG A 292 22.24 -28.55 -8.54
CA ARG A 292 22.26 -29.21 -9.84
C ARG A 292 21.60 -30.58 -9.76
N PRO A 293 20.37 -30.73 -10.25
CA PRO A 293 19.65 -32.01 -10.08
C PRO A 293 20.31 -33.19 -10.77
N ALA A 294 21.09 -32.96 -11.83
CA ALA A 294 21.58 -34.05 -12.66
C ALA A 294 22.59 -34.93 -11.94
N ALA A 295 23.13 -34.49 -10.79
CA ALA A 295 24.19 -35.25 -10.14
C ALA A 295 23.69 -36.60 -9.61
N ILE A 296 22.48 -36.63 -9.05
CA ILE A 296 22.00 -37.80 -8.33
C ILE A 296 21.54 -38.87 -9.33
N CYS A 297 21.84 -40.13 -9.03
CA CYS A 297 21.31 -41.26 -9.78
C CYS A 297 20.65 -42.23 -8.80
N THR A 298 19.50 -42.77 -9.18
CA THR A 298 18.70 -43.63 -8.32
C THR A 298 18.49 -44.99 -8.97
N LEU A 299 18.80 -46.06 -8.23
CA LEU A 299 18.49 -47.41 -8.65
C LEU A 299 17.07 -47.74 -8.21
N ILE A 300 16.12 -47.69 -9.16
CA ILE A 300 14.73 -47.95 -8.84
C ILE A 300 14.56 -49.39 -8.38
N ASP A 301 13.54 -49.62 -7.54
CA ASP A 301 13.24 -50.95 -7.07
C ASP A 301 12.87 -51.84 -8.27
N PRO A 302 13.08 -53.15 -8.16
CA PRO A 302 12.72 -54.05 -9.25
C PRO A 302 11.25 -53.91 -9.62
N GLU A 303 10.97 -54.01 -10.93
CA GLU A 303 9.61 -53.80 -11.42
C GLU A 303 8.65 -54.82 -10.83
N GLU A 304 9.12 -56.04 -10.56
CA GLU A 304 8.29 -57.07 -9.97
C GLU A 304 8.07 -56.81 -8.48
N ASN B 2 21.35 55.59 -16.49
CA ASN B 2 21.53 54.39 -17.31
C ASN B 2 21.24 54.69 -18.78
N LYS B 3 19.95 54.79 -19.10
CA LYS B 3 19.56 55.08 -20.48
C LYS B 3 20.03 56.45 -20.92
N SER B 4 20.02 57.43 -19.99
CA SER B 4 20.53 58.76 -20.32
C SER B 4 22.00 58.70 -20.71
N GLN B 5 22.79 57.86 -20.03
CA GLN B 5 24.19 57.71 -20.37
C GLN B 5 24.36 56.96 -21.69
N LEU B 6 23.54 55.93 -21.92
CA LEU B 6 23.65 55.16 -23.15
C LEU B 6 23.30 56.01 -24.37
N TYR B 7 22.26 56.84 -24.27
CA TYR B 7 21.85 57.71 -25.37
C TYR B 7 22.01 59.16 -24.92
N PRO B 8 23.10 59.83 -25.30
CA PRO B 8 23.33 61.19 -24.78
C PRO B 8 22.40 62.23 -25.37
N ASP B 9 22.05 62.12 -26.64
CA ASP B 9 21.24 63.12 -27.33
C ASP B 9 19.75 62.81 -27.26
N SER B 10 19.33 61.95 -26.35
CA SER B 10 17.91 61.63 -26.22
C SER B 10 17.18 62.81 -25.57
N PRO B 11 16.07 63.29 -26.16
CA PRO B 11 15.33 64.37 -25.50
C PRO B 11 14.62 63.94 -24.23
N LEU B 12 14.03 62.75 -24.23
CA LEU B 12 13.30 62.26 -23.07
C LEU B 12 14.25 61.92 -21.93
N THR B 13 13.84 62.24 -20.71
CA THR B 13 14.65 61.92 -19.54
C THR B 13 14.36 60.51 -19.04
N ASP B 14 15.14 60.08 -18.05
CA ASP B 14 14.96 58.74 -17.49
C ASP B 14 13.59 58.59 -16.83
N GLN B 15 13.09 59.66 -16.22
CA GLN B 15 11.78 59.60 -15.59
C GLN B 15 10.70 59.26 -16.60
N ASP B 16 10.81 59.80 -17.81
CA ASP B 16 9.87 59.42 -18.87
C ASP B 16 10.19 58.04 -19.43
N PHE B 17 11.49 57.69 -19.49
CA PHE B 17 11.89 56.42 -20.08
C PHE B 17 11.35 55.23 -19.29
N ASN B 18 11.43 55.29 -17.96
CA ASN B 18 10.94 54.18 -17.16
C ASN B 18 9.44 53.98 -17.35
N GLN B 19 8.68 55.07 -17.43
CA GLN B 19 7.24 54.99 -17.70
C GLN B 19 6.99 54.40 -19.10
N LEU B 20 7.80 54.81 -20.08
CA LEU B 20 7.65 54.28 -21.43
C LEU B 20 7.85 52.77 -21.45
N ASP B 21 8.79 52.27 -20.63
CA ASP B 21 8.99 50.83 -20.55
C ASP B 21 7.73 50.12 -20.08
N GLN B 22 7.08 50.64 -19.03
CA GLN B 22 5.86 50.01 -18.52
C GLN B 22 4.76 50.05 -19.57
N THR B 23 4.59 51.20 -20.23
CA THR B 23 3.56 51.31 -21.24
C THR B 23 3.78 50.33 -22.38
N VAL B 24 5.05 50.07 -22.71
CA VAL B 24 5.34 49.09 -23.75
C VAL B 24 4.99 47.68 -23.28
N ILE B 25 5.41 47.32 -22.05
CA ILE B 25 5.29 45.92 -21.63
C ILE B 25 3.83 45.54 -21.36
N GLU B 26 3.03 46.48 -20.83
CA GLU B 26 1.67 46.12 -20.45
C GLU B 26 0.82 45.71 -21.64
N ALA B 27 0.96 46.41 -22.76
CA ALA B 27 0.17 46.09 -23.95
C ALA B 27 0.51 44.69 -24.46
N ALA B 28 1.79 44.33 -24.48
CA ALA B 28 2.18 42.98 -24.87
C ALA B 28 1.63 41.95 -23.91
N ARG B 29 1.68 42.25 -22.60
CA ARG B 29 1.16 41.32 -21.61
C ARG B 29 -0.33 41.05 -21.84
N ARG B 30 -1.09 42.10 -22.14
CA ARG B 30 -2.52 41.96 -22.40
C ARG B 30 -2.82 41.28 -23.73
N GLN B 31 -1.83 41.09 -24.60
CA GLN B 31 -2.06 40.64 -25.97
C GLN B 31 -1.37 39.34 -26.33
N LEU B 32 -0.57 38.76 -25.44
CA LEU B 32 0.13 37.51 -25.72
C LEU B 32 -0.67 36.34 -25.15
N VAL B 33 -1.03 35.39 -26.01
CA VAL B 33 -1.79 34.22 -25.58
C VAL B 33 -0.95 32.95 -25.73
N GLY B 34 0.05 32.99 -26.61
CA GLY B 34 0.87 31.81 -26.86
C GLY B 34 1.70 31.41 -25.65
N ARG B 35 2.20 32.39 -24.90
CA ARG B 35 3.05 32.12 -23.75
C ARG B 35 2.28 31.58 -22.55
N ARG B 36 0.96 31.42 -22.67
CA ARG B 36 0.15 31.01 -21.53
C ARG B 36 0.51 29.60 -21.05
N PHE B 37 0.67 28.66 -21.98
CA PHE B 37 0.87 27.25 -21.62
C PHE B 37 2.17 26.66 -22.13
N ILE B 38 3.15 27.49 -22.48
CA ILE B 38 4.44 27.00 -22.98
C ILE B 38 5.55 27.58 -22.11
N GLU B 39 6.46 26.72 -21.66
CA GLU B 39 7.59 27.17 -20.87
C GLU B 39 8.58 27.93 -21.75
N LEU B 40 9.46 28.69 -21.09
CA LEU B 40 10.44 29.52 -21.79
C LEU B 40 11.85 29.13 -21.34
N TYR B 41 12.74 28.97 -22.32
CA TYR B 41 14.15 28.76 -22.03
C TYR B 41 14.77 30.06 -21.52
N GLY B 42 15.71 29.95 -20.59
CA GLY B 42 16.37 31.10 -20.02
C GLY B 42 17.11 31.91 -21.06
N PRO B 43 17.23 33.22 -20.85
CA PRO B 43 17.89 34.08 -21.84
C PRO B 43 19.34 33.65 -22.05
N LEU B 44 19.63 33.18 -23.27
CA LEU B 44 20.95 32.65 -23.57
C LEU B 44 22.03 33.72 -23.53
N GLY B 45 21.73 34.91 -24.06
CA GLY B 45 22.68 35.99 -24.11
C GLY B 45 22.89 36.51 -25.53
N ARG B 46 23.77 37.51 -25.63
CA ARG B 46 24.04 38.13 -26.92
C ARG B 46 24.84 37.19 -27.82
N GLY B 47 25.74 36.40 -27.26
CA GLY B 47 26.67 35.62 -28.06
C GLY B 47 26.16 34.27 -28.51
N MET B 48 25.01 34.23 -29.17
CA MET B 48 24.50 33.00 -29.75
C MET B 48 23.43 33.34 -30.79
N GLN B 49 23.45 32.59 -31.90
CA GLN B 49 22.50 32.82 -32.98
C GLN B 49 21.86 31.53 -33.49
N SER B 50 22.29 30.37 -33.00
CA SER B 50 21.81 29.09 -33.48
C SER B 50 21.59 28.14 -32.32
N VAL B 51 20.68 27.20 -32.52
CA VAL B 51 20.32 26.21 -31.51
C VAL B 51 20.28 24.83 -32.15
N PHE B 52 20.40 23.80 -31.32
CA PHE B 52 20.36 22.40 -31.77
C PHE B 52 19.15 21.72 -31.18
N ASN B 53 18.47 20.91 -31.99
CA ASN B 53 17.24 20.23 -31.60
C ASN B 53 17.38 18.74 -31.86
N ASP B 54 16.74 17.93 -31.00
CA ASP B 54 16.77 16.48 -31.09
C ASP B 54 15.34 15.95 -31.25
N ILE B 55 15.13 15.12 -32.27
CA ILE B 55 13.82 14.55 -32.56
C ILE B 55 13.90 13.04 -32.34
N PHE B 56 13.18 12.54 -31.34
CA PHE B 56 13.17 11.09 -31.10
C PHE B 56 12.36 10.36 -32.16
N MET B 57 11.16 10.86 -32.48
CA MET B 57 10.30 10.29 -33.51
C MET B 57 10.06 8.80 -33.29
N GLU B 58 9.73 8.44 -32.05
CA GLU B 58 9.35 7.07 -31.72
C GLU B 58 8.72 7.00 -30.34
N GLY B 83 8.69 2.15 -21.92
CA GLY B 83 8.17 1.76 -20.62
C GLY B 83 9.24 1.34 -19.64
N ALA B 84 8.97 1.51 -18.35
CA ALA B 84 9.90 1.11 -17.31
C ALA B 84 9.98 -0.41 -17.22
N LYS B 85 11.09 -0.90 -16.68
CA LYS B 85 11.35 -2.33 -16.56
C LYS B 85 11.33 -2.73 -15.09
N MET B 86 10.83 -3.94 -14.83
CA MET B 86 10.77 -4.50 -13.48
C MET B 86 11.48 -5.84 -13.48
N ASP B 87 12.44 -6.00 -12.57
CA ASP B 87 13.25 -7.21 -12.51
C ASP B 87 13.71 -7.43 -11.08
N PHE B 88 14.17 -8.65 -10.81
CA PHE B 88 14.67 -9.03 -9.49
C PHE B 88 16.18 -8.86 -9.38
N GLN B 89 16.94 -9.56 -10.22
CA GLN B 89 18.40 -9.48 -10.15
C GLN B 89 18.90 -8.16 -10.68
N GLY B 90 18.37 -7.70 -11.82
CA GLY B 90 18.79 -6.48 -12.47
C GLY B 90 18.97 -6.69 -13.96
N SER B 91 19.65 -5.74 -14.59
CA SER B 91 19.88 -5.77 -16.03
C SER B 91 21.34 -5.48 -16.34
N PHE B 92 21.82 -6.05 -17.44
CA PHE B 92 23.20 -5.88 -17.87
C PHE B 92 23.34 -4.94 -19.06
N ASP B 93 22.25 -4.31 -19.50
CA ASP B 93 22.26 -3.46 -20.68
C ASP B 93 21.45 -2.20 -20.44
N THR B 94 21.66 -1.22 -21.31
CA THR B 94 20.93 0.04 -21.29
C THR B 94 20.11 0.17 -22.57
N GLU B 95 19.28 1.21 -22.62
CA GLU B 95 18.44 1.48 -23.77
C GLU B 95 18.62 2.92 -24.23
N VAL B 96 18.59 3.12 -25.55
CA VAL B 96 18.82 4.43 -26.14
C VAL B 96 17.75 4.71 -27.19
N GLU B 97 17.88 5.83 -27.90
CA GLU B 97 16.90 6.23 -28.91
C GLU B 97 17.60 7.09 -29.96
N SER B 98 16.90 7.31 -31.07
CA SER B 98 17.47 8.00 -32.22
C SER B 98 17.45 9.51 -31.98
N SER B 99 18.64 10.13 -31.90
CA SER B 99 18.71 11.56 -31.63
C SER B 99 18.22 12.40 -32.79
N ARG B 100 18.72 12.12 -34.00
CA ARG B 100 18.37 12.88 -35.20
C ARG B 100 18.56 14.39 -34.99
N ARG B 101 19.79 14.82 -34.78
CA ARG B 101 20.07 16.21 -34.42
C ARG B 101 19.92 17.12 -35.64
N VAL B 102 19.37 18.32 -35.39
CA VAL B 102 19.19 19.33 -36.44
C VAL B 102 19.57 20.69 -35.87
N ASN B 103 19.74 21.66 -36.76
CA ASN B 103 20.20 23.00 -36.40
C ASN B 103 19.20 24.06 -36.86
N TYR B 104 19.01 25.09 -36.03
CA TYR B 104 18.08 26.17 -36.31
C TYR B 104 18.74 27.52 -36.01
N THR B 105 18.24 28.57 -36.65
CA THR B 105 18.78 29.91 -36.51
C THR B 105 17.70 30.85 -35.94
N ILE B 106 18.15 31.91 -35.27
CA ILE B 106 17.25 32.82 -34.56
C ILE B 106 16.96 34.03 -35.44
N PRO B 107 15.70 34.31 -35.77
CA PRO B 107 15.36 35.57 -36.45
C PRO B 107 15.00 36.68 -35.48
N MET B 108 14.75 37.87 -36.05
CA MET B 108 14.39 39.06 -35.28
C MET B 108 13.15 39.71 -35.88
N LEU B 109 12.40 40.43 -35.04
CA LEU B 109 11.23 41.18 -35.46
C LEU B 109 11.26 42.57 -34.84
N TYR B 110 10.67 43.55 -35.52
CA TYR B 110 10.75 44.92 -35.05
C TYR B 110 9.60 45.76 -35.59
N LYS B 111 9.41 46.92 -34.97
CA LYS B 111 8.43 47.92 -35.39
C LYS B 111 8.85 49.26 -34.79
N ASP B 112 8.40 50.35 -35.43
CA ASP B 112 8.89 51.68 -35.11
C ASP B 112 7.76 52.71 -35.04
N PHE B 113 8.01 53.79 -34.31
CA PHE B 113 7.09 54.90 -34.17
C PHE B 113 7.88 56.20 -34.11
N VAL B 114 7.17 57.33 -34.13
CA VAL B 114 7.79 58.65 -34.24
C VAL B 114 7.10 59.63 -33.30
N LEU B 115 7.90 60.47 -32.64
CA LEU B 115 7.41 61.58 -31.83
C LEU B 115 7.52 62.89 -32.60
N TYR B 116 6.86 63.92 -32.07
CA TYR B 116 6.88 65.25 -32.66
C TYR B 116 7.46 66.27 -31.69
N TRP B 117 8.14 67.29 -32.24
CA TRP B 117 8.88 68.22 -31.41
C TRP B 117 7.99 69.37 -30.93
N ARG B 118 7.08 69.85 -31.78
CA ARG B 118 6.22 70.96 -31.40
C ARG B 118 5.35 70.60 -30.20
N ASP B 119 4.80 69.38 -30.20
CA ASP B 119 3.97 68.95 -29.07
C ASP B 119 4.80 68.87 -27.79
N LEU B 120 6.04 68.40 -27.89
CA LEU B 120 6.90 68.33 -26.72
C LEU B 120 7.19 69.71 -26.16
N GLU B 121 7.39 70.69 -27.03
CA GLU B 121 7.70 72.04 -26.57
C GLU B 121 6.55 72.63 -25.75
N GLN B 122 5.32 72.46 -26.21
CA GLN B 122 4.17 72.98 -25.48
C GLN B 122 4.03 72.33 -24.10
N SER B 123 4.23 71.01 -24.04
CA SER B 123 4.13 70.31 -22.77
C SER B 123 5.22 70.76 -21.80
N LYS B 124 6.45 70.93 -22.30
CA LYS B 124 7.52 71.41 -21.45
C LYS B 124 7.23 72.82 -20.95
N ALA B 125 6.64 73.66 -21.80
CA ALA B 125 6.35 75.04 -21.42
C ALA B 125 5.25 75.12 -20.37
N LEU B 126 4.20 74.31 -20.53
CA LEU B 126 3.01 74.41 -19.67
C LEU B 126 2.96 73.36 -18.59
N ASP B 127 4.02 72.57 -18.40
CA ASP B 127 4.11 71.55 -17.35
C ASP B 127 3.05 70.47 -17.50
N ILE B 128 2.47 70.33 -18.68
CA ILE B 128 1.46 69.27 -18.91
C ILE B 128 2.17 67.93 -19.00
N PRO B 129 1.53 66.83 -18.60
CA PRO B 129 2.19 65.51 -18.71
C PRO B 129 2.36 65.08 -20.16
N ILE B 130 3.45 64.35 -20.41
CA ILE B 130 3.74 63.86 -21.76
C ILE B 130 2.88 62.63 -22.06
N ASP B 131 2.66 62.37 -23.34
CA ASP B 131 1.82 61.27 -23.80
C ASP B 131 2.66 60.23 -24.51
N PHE B 132 2.42 58.95 -24.20
CA PHE B 132 3.14 57.83 -24.77
C PHE B 132 2.20 56.77 -25.34
N SER B 133 1.15 57.20 -26.05
CA SER B 133 0.14 56.26 -26.51
C SER B 133 0.65 55.38 -27.65
N VAL B 134 1.60 55.89 -28.44
CA VAL B 134 1.93 55.24 -29.72
C VAL B 134 2.55 53.87 -29.50
N ALA B 135 3.32 53.71 -28.41
CA ALA B 135 4.09 52.48 -28.22
C ALA B 135 3.20 51.25 -28.13
N ALA B 136 1.97 51.42 -27.63
CA ALA B 136 1.08 50.28 -27.45
C ALA B 136 0.72 49.63 -28.78
N ASN B 137 0.48 50.43 -29.82
CA ASN B 137 0.13 49.88 -31.12
C ASN B 137 1.29 49.06 -31.69
N ALA B 138 2.53 49.56 -31.57
CA ALA B 138 3.68 48.81 -32.04
C ALA B 138 3.84 47.50 -31.28
N ALA B 139 3.66 47.54 -29.96
CA ALA B 139 3.78 46.32 -29.17
C ALA B 139 2.72 45.30 -29.58
N ARG B 140 1.48 45.76 -29.80
CA ARG B 140 0.42 44.86 -30.22
C ARG B 140 0.72 44.24 -31.58
N ASP B 141 1.21 45.06 -32.53
CA ASP B 141 1.52 44.54 -33.86
C ASP B 141 2.65 43.52 -33.81
N VAL B 142 3.69 43.77 -33.01
CA VAL B 142 4.79 42.81 -32.95
C VAL B 142 4.36 41.54 -32.24
N ALA B 143 3.41 41.63 -31.30
CA ALA B 143 2.90 40.42 -30.66
C ALA B 143 2.06 39.59 -31.63
N PHE B 144 1.28 40.25 -32.49
CA PHE B 144 0.44 39.52 -33.44
C PHE B 144 1.28 38.66 -34.38
N LEU B 145 2.39 39.22 -34.88
CA LEU B 145 3.25 38.46 -35.79
C LEU B 145 3.91 37.29 -35.07
N GLU B 146 4.27 37.48 -33.79
CA GLU B 146 4.83 36.38 -33.02
C GLU B 146 3.84 35.24 -32.88
N ASP B 147 2.57 35.57 -32.58
CA ASP B 147 1.54 34.53 -32.50
C ASP B 147 1.39 33.82 -33.84
N GLN B 148 1.36 34.58 -34.94
CA GLN B 148 1.19 33.96 -36.25
C GLN B 148 2.35 33.03 -36.59
N MET B 149 3.58 33.45 -36.26
CA MET B 149 4.74 32.59 -36.51
C MET B 149 4.70 31.33 -35.66
N ILE B 150 4.30 31.46 -34.39
CA ILE B 150 4.23 30.29 -33.52
C ILE B 150 3.21 29.29 -34.05
N PHE B 151 2.07 29.78 -34.54
CA PHE B 151 1.04 28.85 -34.99
C PHE B 151 1.35 28.26 -36.37
N HIS B 152 1.57 29.10 -37.38
CA HIS B 152 1.73 28.60 -38.74
C HIS B 152 3.18 28.23 -39.05
N GLY B 153 4.13 29.07 -38.66
CA GLY B 153 5.52 28.78 -38.93
C GLY B 153 6.10 29.66 -40.02
N SER B 154 7.42 29.80 -40.01
CA SER B 154 8.12 30.70 -40.93
C SER B 154 8.79 29.89 -42.04
N LYS B 155 8.49 30.26 -43.30
CA LYS B 155 9.07 29.56 -44.44
C LYS B 155 10.52 29.96 -44.67
N GLU B 156 10.85 31.23 -44.46
CA GLU B 156 12.16 31.75 -44.87
C GLU B 156 13.30 31.04 -44.15
N PHE B 157 13.17 30.85 -42.84
CA PHE B 157 14.20 30.18 -42.06
C PHE B 157 13.93 28.68 -41.91
N ASP B 158 12.86 28.18 -42.52
CA ASP B 158 12.55 26.74 -42.53
C ASP B 158 12.38 26.19 -41.12
N ILE B 159 11.59 26.87 -40.32
CA ILE B 159 11.26 26.42 -38.97
C ILE B 159 9.82 25.90 -38.97
N PRO B 160 9.59 24.62 -38.67
CA PRO B 160 8.24 24.07 -38.75
C PRO B 160 7.34 24.60 -37.64
N GLY B 161 6.04 24.54 -37.92
CA GLY B 161 5.04 24.99 -36.95
C GLY B 161 4.28 23.85 -36.30
N LEU B 162 3.44 24.19 -35.31
CA LEU B 162 2.68 23.17 -34.60
C LEU B 162 1.69 22.48 -35.54
N MET B 163 1.07 23.25 -36.44
CA MET B 163 -0.02 22.70 -37.25
C MET B 163 0.49 21.70 -38.28
N ASN B 164 1.62 22.00 -38.92
CA ASN B 164 2.06 21.25 -40.09
C ASN B 164 3.19 20.26 -39.83
N VAL B 165 3.56 20.01 -38.57
CA VAL B 165 4.67 19.11 -38.30
C VAL B 165 4.26 17.66 -38.54
N LYS B 166 5.26 16.80 -38.70
CA LYS B 166 5.03 15.37 -38.93
C LYS B 166 4.52 14.70 -37.65
N GLY B 167 3.88 13.55 -37.82
CA GLY B 167 3.36 12.80 -36.70
C GLY B 167 2.33 13.56 -35.89
N ARG B 168 1.38 14.21 -36.56
CA ARG B 168 0.42 15.07 -35.88
C ARG B 168 -0.73 14.31 -35.25
N LEU B 169 -0.89 13.01 -35.56
CA LEU B 169 -1.92 12.17 -34.96
C LEU B 169 -3.30 12.82 -35.13
N THR B 170 -3.73 12.96 -36.39
CA THR B 170 -4.94 13.71 -36.70
C THR B 170 -6.19 12.98 -36.20
N HIS B 171 -7.26 13.77 -36.04
CA HIS B 171 -8.56 13.26 -35.63
C HIS B 171 -9.64 14.01 -36.42
N LEU B 172 -10.84 13.42 -36.47
CA LEU B 172 -11.95 13.99 -37.20
C LEU B 172 -13.12 14.24 -36.25
N ILE B 173 -13.99 15.18 -36.63
CA ILE B 173 -15.11 15.60 -35.81
C ILE B 173 -16.39 15.59 -36.63
N GLY B 174 -17.51 15.37 -35.94
CA GLY B 174 -18.82 15.41 -36.56
C GLY B 174 -19.48 16.77 -36.40
N ASN B 175 -20.79 16.79 -36.66
CA ASN B 175 -21.57 18.01 -36.50
C ASN B 175 -21.65 18.40 -35.04
N TRP B 176 -21.21 19.62 -34.72
CA TRP B 176 -21.25 20.13 -33.36
C TRP B 176 -22.49 20.97 -33.07
N TYR B 177 -23.35 21.18 -34.06
CA TYR B 177 -24.59 21.91 -33.81
C TYR B 177 -25.50 21.14 -32.87
N GLU B 178 -25.41 19.80 -32.88
CA GLU B 178 -26.13 19.00 -31.92
C GLU B 178 -25.52 19.14 -30.53
N SER B 179 -26.31 18.76 -29.51
CA SER B 179 -25.93 19.07 -28.13
C SER B 179 -24.71 18.26 -27.68
N GLY B 180 -24.73 16.95 -27.87
CA GLY B 180 -23.81 16.08 -27.17
C GLY B 180 -22.60 15.58 -27.94
N ASN B 181 -22.38 16.07 -29.16
CA ASN B 181 -21.31 15.51 -29.99
C ASN B 181 -19.93 15.92 -29.48
N ALA B 182 -19.80 17.14 -28.95
CA ALA B 182 -18.49 17.67 -28.59
C ALA B 182 -17.84 16.83 -27.49
N PHE B 183 -18.63 16.43 -26.48
CA PHE B 183 -18.07 15.66 -25.38
C PHE B 183 -17.51 14.32 -25.86
N GLN B 184 -18.27 13.62 -26.70
CA GLN B 184 -17.79 12.35 -27.26
C GLN B 184 -16.54 12.56 -28.11
N ASP B 185 -16.53 13.63 -28.92
CA ASP B 185 -15.37 13.88 -29.77
C ASP B 185 -14.11 14.12 -28.92
N ILE B 186 -14.25 14.86 -27.82
CA ILE B 186 -13.10 15.12 -26.97
C ILE B 186 -12.64 13.83 -26.29
N VAL B 187 -13.58 12.99 -25.85
CA VAL B 187 -13.23 11.73 -25.19
C VAL B 187 -12.46 10.82 -26.15
N GLU B 188 -12.88 10.78 -27.42
CA GLU B 188 -12.19 9.92 -28.38
C GLU B 188 -10.74 10.35 -28.58
N ALA B 189 -10.48 11.66 -28.68
CA ALA B 189 -9.11 12.13 -28.80
C ALA B 189 -8.30 11.82 -27.55
N ARG B 190 -8.94 11.96 -26.38
CA ARG B 190 -8.25 11.58 -25.14
C ARG B 190 -7.83 10.12 -25.18
N ASN B 191 -8.72 9.24 -25.65
CA ASN B 191 -8.38 7.82 -25.73
C ASN B 191 -7.27 7.57 -26.75
N LYS B 192 -7.29 8.28 -27.88
CA LYS B 192 -6.23 8.12 -28.87
C LYS B 192 -4.87 8.50 -28.30
N LEU B 193 -4.80 9.58 -27.53
CA LEU B 193 -3.54 9.95 -26.88
C LEU B 193 -3.16 8.93 -25.81
N LEU B 194 -4.14 8.44 -25.05
CA LEU B 194 -3.85 7.50 -23.98
C LEU B 194 -3.26 6.20 -24.51
N GLU B 195 -3.79 5.70 -25.62
CA GLU B 195 -3.23 4.49 -26.21
C GLU B 195 -1.83 4.73 -26.77
N MET B 196 -1.55 5.96 -27.21
CA MET B 196 -0.23 6.35 -27.67
C MET B 196 0.70 6.73 -26.52
N ASN B 197 0.22 6.62 -25.28
CA ASN B 197 1.02 6.62 -24.05
C ASN B 197 1.44 8.01 -23.60
N HIS B 198 0.85 9.07 -24.13
CA HIS B 198 1.03 10.42 -23.60
C HIS B 198 -0.13 10.71 -22.65
N ASN B 199 0.10 10.48 -21.36
CA ASN B 199 -0.93 10.65 -20.33
C ASN B 199 -0.51 11.77 -19.39
N GLY B 200 -1.37 12.77 -19.24
CA GLY B 200 -1.08 13.91 -18.40
C GLY B 200 -2.06 15.04 -18.65
N PRO B 201 -1.80 16.22 -18.08
CA PRO B 201 -2.66 17.37 -18.35
C PRO B 201 -2.62 17.74 -19.82
N TYR B 202 -3.77 18.16 -20.34
CA TYR B 202 -3.90 18.54 -21.73
C TYR B 202 -4.44 19.96 -21.84
N ALA B 203 -4.03 20.67 -22.90
CA ALA B 203 -4.48 22.02 -23.17
C ALA B 203 -5.13 22.06 -24.54
N LEU B 204 -6.20 22.84 -24.64
CA LEU B 204 -7.03 22.88 -25.84
C LEU B 204 -7.13 24.30 -26.37
N VAL B 205 -6.91 24.47 -27.67
CA VAL B 205 -7.04 25.76 -28.35
C VAL B 205 -8.03 25.59 -29.48
N LEU B 206 -9.04 26.47 -29.54
CA LEU B 206 -10.13 26.39 -30.49
C LEU B 206 -10.34 27.72 -31.19
N SER B 207 -10.97 27.67 -32.36
CA SER B 207 -11.33 28.87 -33.09
C SER B 207 -12.51 29.58 -32.40
N PRO B 208 -12.69 30.88 -32.67
CA PRO B 208 -13.82 31.59 -32.04
C PRO B 208 -15.17 30.98 -32.34
N GLU B 209 -15.38 30.50 -33.57
CA GLU B 209 -16.66 29.92 -33.95
C GLU B 209 -16.97 28.69 -33.10
N LEU B 210 -15.99 27.80 -32.91
CA LEU B 210 -16.21 26.63 -32.07
C LEU B 210 -16.34 27.01 -30.60
N TYR B 211 -15.57 28.01 -30.16
CA TYR B 211 -15.63 28.43 -28.76
C TYR B 211 -17.01 28.98 -28.42
N SER B 212 -17.65 29.67 -29.37
CA SER B 212 -18.98 30.21 -29.12
C SER B 212 -20.02 29.10 -28.94
N LEU B 213 -19.89 28.02 -29.71
CA LEU B 213 -20.92 26.97 -29.70
C LEU B 213 -21.00 26.27 -28.35
N LEU B 214 -19.88 26.22 -27.61
CA LEU B 214 -19.89 25.55 -26.32
C LEU B 214 -20.79 26.22 -25.30
N HIS B 215 -21.14 27.49 -25.51
CA HIS B 215 -21.99 28.23 -24.57
C HIS B 215 -23.47 27.99 -24.89
N ARG B 216 -23.86 26.72 -24.82
CA ARG B 216 -25.24 26.31 -25.06
C ARG B 216 -25.68 25.33 -23.99
N VAL B 217 -26.96 25.37 -23.66
CA VAL B 217 -27.50 24.50 -22.61
C VAL B 217 -27.54 23.06 -23.10
N HIS B 218 -27.00 22.15 -22.29
CA HIS B 218 -26.97 20.73 -22.61
C HIS B 218 -28.11 20.04 -21.87
N LYS B 219 -28.98 19.36 -22.61
CA LYS B 219 -30.11 18.68 -22.01
C LYS B 219 -29.66 17.42 -21.28
N ASP B 220 -30.54 16.91 -20.42
CA ASP B 220 -30.35 15.75 -19.56
C ASP B 220 -29.39 16.04 -18.42
N THR B 221 -28.83 17.24 -18.35
CA THR B 221 -27.92 17.60 -17.27
C THR B 221 -28.22 19.00 -16.76
N ASN B 222 -28.89 19.81 -17.58
CA ASN B 222 -29.26 21.18 -17.22
C ASN B 222 -28.03 22.00 -16.82
N VAL B 223 -26.91 21.76 -17.50
CA VAL B 223 -25.66 22.47 -17.24
C VAL B 223 -25.00 22.75 -18.59
N LEU B 224 -24.31 23.89 -18.67
CA LEU B 224 -23.62 24.26 -19.90
C LEU B 224 -22.47 23.29 -20.18
N GLU B 225 -22.18 23.08 -21.46
CA GLU B 225 -21.20 22.07 -21.86
C GLU B 225 -19.78 22.48 -21.48
N ILE B 226 -19.53 23.78 -21.32
CA ILE B 226 -18.17 24.24 -21.02
C ILE B 226 -17.74 23.74 -19.64
N GLU B 227 -18.67 23.67 -18.69
CA GLU B 227 -18.35 23.17 -17.37
C GLU B 227 -17.93 21.70 -17.42
N HIS B 228 -18.64 20.89 -18.20
CA HIS B 228 -18.26 19.49 -18.37
C HIS B 228 -16.91 19.36 -19.06
N VAL B 229 -16.66 20.18 -20.08
CA VAL B 229 -15.43 20.07 -20.83
C VAL B 229 -14.22 20.45 -19.97
N ARG B 230 -14.37 21.48 -19.13
CA ARG B 230 -13.26 21.93 -18.30
C ARG B 230 -12.84 20.86 -17.29
N GLU B 231 -13.76 19.98 -16.89
CA GLU B 231 -13.40 18.93 -15.93
C GLU B 231 -12.39 17.96 -16.54
N LEU B 232 -12.52 17.67 -17.82
CA LEU B 232 -11.58 16.77 -18.51
C LEU B 232 -10.34 17.50 -18.98
N ILE B 233 -10.47 18.74 -19.44
CA ILE B 233 -9.31 19.47 -19.96
C ILE B 233 -8.33 19.78 -18.83
N THR B 234 -8.83 20.28 -17.70
CA THR B 234 -8.14 20.54 -16.44
C THR B 234 -7.00 21.55 -16.56
N ALA B 235 -6.74 22.09 -17.75
CA ALA B 235 -5.68 23.09 -17.92
C ALA B 235 -6.15 24.33 -18.65
N GLY B 236 -7.46 24.49 -18.84
CA GLY B 236 -7.97 25.70 -19.45
C GLY B 236 -8.22 25.55 -20.93
N VAL B 237 -9.15 26.35 -21.45
CA VAL B 237 -9.49 26.39 -22.87
C VAL B 237 -9.34 27.82 -23.34
N PHE B 238 -8.73 27.99 -24.52
CA PHE B 238 -8.44 29.32 -25.04
C PHE B 238 -8.91 29.42 -26.48
N GLN B 239 -9.12 30.65 -26.93
CA GLN B 239 -9.51 30.94 -28.30
C GLN B 239 -8.57 31.98 -28.89
N SER B 240 -8.19 31.79 -30.16
CA SER B 240 -7.26 32.69 -30.82
C SER B 240 -7.79 33.08 -32.19
N PRO B 241 -7.69 34.35 -32.56
CA PRO B 241 -8.20 34.79 -33.87
C PRO B 241 -7.34 34.33 -35.04
N VAL B 242 -6.12 33.84 -34.81
CA VAL B 242 -5.24 33.49 -35.92
C VAL B 242 -5.78 32.29 -36.69
N LEU B 243 -6.39 31.33 -36.00
CA LEU B 243 -7.05 30.23 -36.69
C LEU B 243 -8.24 30.75 -37.47
N LYS B 244 -8.53 30.10 -38.61
CA LYS B 244 -9.54 30.60 -39.55
C LYS B 244 -10.53 29.48 -39.87
N GLY B 245 -11.50 29.30 -38.98
CA GLY B 245 -12.65 28.46 -39.27
C GLY B 245 -12.46 26.98 -38.99
N LYS B 246 -13.30 26.44 -38.10
CA LYS B 246 -13.39 25.00 -37.87
C LYS B 246 -12.04 24.33 -37.66
N SER B 247 -11.36 24.68 -36.57
CA SER B 247 -10.04 24.11 -36.30
C SER B 247 -9.84 24.02 -34.80
N GLY B 248 -8.92 23.15 -34.38
CA GLY B 248 -8.61 23.01 -32.97
C GLY B 248 -7.43 22.09 -32.77
N VAL B 249 -6.76 22.30 -31.64
CA VAL B 249 -5.57 21.53 -31.33
C VAL B 249 -5.54 21.22 -29.83
N ILE B 250 -5.19 19.98 -29.49
CA ILE B 250 -5.04 19.54 -28.12
C ILE B 250 -3.61 19.06 -27.93
N VAL B 251 -2.90 19.66 -26.98
CA VAL B 251 -1.47 19.42 -26.79
C VAL B 251 -1.22 19.01 -25.35
N ASN B 252 -0.41 17.96 -25.17
CA ASN B 252 0.02 17.56 -23.83
C ASN B 252 1.04 18.55 -23.30
N THR B 253 0.79 19.11 -22.11
CA THR B 253 1.63 20.16 -21.59
C THR B 253 2.85 19.59 -20.86
N GLY B 254 3.68 20.49 -20.39
CA GLY B 254 4.90 20.14 -19.68
C GLY B 254 6.13 20.31 -20.55
N ARG B 255 7.27 20.44 -19.88
CA ARG B 255 8.52 20.49 -20.61
C ARG B 255 8.90 19.10 -21.09
N ASN B 256 9.99 19.03 -21.85
CA ASN B 256 10.59 17.88 -22.53
C ASN B 256 9.81 17.52 -23.77
N ASN B 257 8.68 18.19 -24.06
CA ASN B 257 7.96 18.03 -25.31
C ASN B 257 7.95 19.28 -26.18
N LEU B 258 7.68 20.45 -25.60
CA LEU B 258 7.74 21.71 -26.34
C LEU B 258 8.51 22.72 -25.51
N ASP B 259 9.17 23.65 -26.19
CA ASP B 259 9.94 24.67 -25.49
C ASP B 259 10.10 25.90 -26.38
N LEU B 260 10.36 27.03 -25.73
CA LEU B 260 10.56 28.31 -26.40
C LEU B 260 11.90 28.87 -25.98
N ALA B 261 12.76 29.17 -26.95
CA ALA B 261 14.09 29.69 -26.69
C ALA B 261 14.16 31.15 -27.11
N ILE B 262 14.48 32.02 -26.16
CA ILE B 262 14.51 33.45 -26.38
C ILE B 262 15.87 33.98 -25.97
N SER B 263 16.48 34.80 -26.83
CA SER B 263 17.81 35.35 -26.58
C SER B 263 17.74 36.77 -26.03
N GLU B 264 17.00 37.66 -26.68
CA GLU B 264 16.83 39.03 -26.21
C GLU B 264 15.34 39.37 -26.23
N ASP B 265 14.84 39.88 -25.12
CA ASP B 265 13.41 40.13 -24.96
C ASP B 265 13.07 41.50 -25.54
N PHE B 266 11.86 41.98 -25.25
CA PHE B 266 11.40 43.26 -25.79
C PHE B 266 12.34 44.39 -25.37
N GLU B 267 12.74 45.22 -26.33
CA GLU B 267 13.60 46.34 -26.00
C GLU B 267 13.31 47.49 -26.95
N THR B 268 13.59 48.71 -26.49
CA THR B 268 13.34 49.94 -27.24
C THR B 268 14.65 50.70 -27.42
N ALA B 269 14.84 51.27 -28.61
CA ALA B 269 16.07 51.96 -28.96
C ALA B 269 15.78 53.25 -29.73
N TYR B 270 16.52 54.30 -29.42
CA TYR B 270 16.52 55.53 -30.22
C TYR B 270 17.07 55.23 -31.60
N LEU B 271 16.64 56.01 -32.60
CA LEU B 271 17.06 55.76 -33.97
C LEU B 271 17.84 56.90 -34.63
N GLY B 272 17.67 58.12 -34.15
CA GLY B 272 18.40 59.24 -34.74
C GLY B 272 17.65 60.54 -34.54
N GLU B 273 17.98 61.52 -35.37
CA GLU B 273 17.43 62.87 -35.30
C GLU B 273 17.02 63.33 -36.69
N GLU B 274 16.31 62.48 -37.43
CA GLU B 274 15.86 62.84 -38.77
C GLU B 274 14.94 64.05 -38.73
N GLY B 275 15.22 65.03 -39.58
CA GLY B 275 14.47 66.27 -39.54
C GLY B 275 14.57 66.92 -38.17
N MET B 276 13.42 67.28 -37.61
CA MET B 276 13.35 67.75 -36.23
C MET B 276 12.65 66.75 -35.31
N ASN B 277 12.30 65.57 -35.82
CA ASN B 277 11.56 64.58 -35.05
C ASN B 277 12.48 63.48 -34.55
N HIS B 278 11.97 62.69 -33.61
CA HIS B 278 12.74 61.67 -32.93
C HIS B 278 12.12 60.29 -33.14
N PRO B 279 12.76 59.40 -33.88
CA PRO B 279 12.20 58.05 -34.07
C PRO B 279 12.73 57.00 -33.10
N PHE B 280 11.87 56.06 -32.72
CA PHE B 280 12.23 54.96 -31.83
C PHE B 280 11.81 53.64 -32.47
N ARG B 281 12.42 52.55 -32.00
CA ARG B 281 12.13 51.22 -32.52
C ARG B 281 12.06 50.24 -31.35
N VAL B 282 11.28 49.18 -31.54
CA VAL B 282 11.18 48.08 -30.58
C VAL B 282 11.59 46.79 -31.28
N TYR B 283 12.19 45.87 -30.52
CA TYR B 283 12.70 44.64 -31.12
C TYR B 283 12.70 43.50 -30.11
N GLU B 284 12.65 42.28 -30.63
CA GLU B 284 12.68 41.05 -29.85
C GLU B 284 13.03 39.89 -30.76
N THR B 285 13.60 38.83 -30.17
CA THR B 285 13.99 37.63 -30.88
C THR B 285 13.54 36.39 -30.11
N VAL B 286 12.95 35.42 -30.82
CA VAL B 286 12.44 34.19 -30.21
C VAL B 286 12.52 33.06 -31.23
N VAL B 287 12.40 31.82 -30.74
CA VAL B 287 12.34 30.64 -31.59
C VAL B 287 11.65 29.52 -30.80
N LEU B 288 11.15 28.52 -31.52
CA LEU B 288 10.34 27.45 -30.93
C LEU B 288 10.94 26.09 -31.27
N ARG B 289 10.91 25.16 -30.30
CA ARG B 289 11.41 23.81 -30.50
C ARG B 289 10.37 22.79 -30.04
N ILE B 290 10.19 21.72 -30.81
CA ILE B 290 9.35 20.60 -30.45
C ILE B 290 10.22 19.34 -30.47
N LYS B 291 10.27 18.63 -29.35
CA LYS B 291 11.17 17.48 -29.24
C LYS B 291 10.48 16.18 -29.61
N ARG B 292 9.25 15.97 -29.16
CA ARG B 292 8.52 14.75 -29.45
C ARG B 292 7.27 15.09 -30.24
N PRO B 293 7.18 14.71 -31.52
CA PRO B 293 6.04 15.15 -32.34
C PRO B 293 4.73 14.50 -31.95
N ALA B 294 4.75 13.31 -31.35
CA ALA B 294 3.53 12.55 -31.11
C ALA B 294 2.61 13.19 -30.07
N ALA B 295 3.08 14.18 -29.32
CA ALA B 295 2.24 14.80 -28.30
C ALA B 295 1.07 15.56 -28.93
N ILE B 296 1.31 16.24 -30.04
CA ILE B 296 0.31 17.12 -30.63
C ILE B 296 -0.76 16.30 -31.32
N CYS B 297 -2.03 16.69 -31.13
CA CYS B 297 -3.16 16.13 -31.86
C CYS B 297 -3.99 17.27 -32.44
N THR B 298 -4.48 17.09 -33.66
CA THR B 298 -5.17 18.15 -34.39
C THR B 298 -6.55 17.66 -34.81
N LEU B 299 -7.58 18.45 -34.51
CA LEU B 299 -8.93 18.17 -34.98
C LEU B 299 -9.20 18.95 -36.25
N ILE B 300 -9.71 18.27 -37.28
CA ILE B 300 -9.94 18.88 -38.59
C ILE B 300 -11.40 18.71 -38.96
N ASP B 301 -11.93 19.67 -39.69
CA ASP B 301 -13.34 19.64 -40.05
C ASP B 301 -13.57 18.71 -41.23
N PRO B 302 -14.76 18.11 -41.33
CA PRO B 302 -15.10 17.34 -42.53
C PRO B 302 -15.66 18.24 -43.62
N GLU B 303 -15.87 17.63 -44.79
CA GLU B 303 -16.39 18.30 -46.00
C GLU B 303 -15.75 19.68 -46.21
N GLU B 304 -14.43 19.75 -45.99
CA GLU B 304 -13.71 21.00 -46.14
C GLU B 304 -13.62 21.42 -47.60
N ASN C 2 28.04 15.05 0.86
CA ASN C 2 27.86 13.61 0.80
C ASN C 2 28.20 13.09 -0.59
N LYS C 3 27.66 13.74 -1.62
CA LYS C 3 27.98 13.37 -2.98
C LYS C 3 29.42 13.74 -3.31
N SER C 4 29.89 13.25 -4.46
CA SER C 4 31.26 13.28 -4.97
C SER C 4 32.15 12.31 -4.21
N GLN C 5 31.66 11.69 -3.13
CA GLN C 5 32.35 10.61 -2.45
C GLN C 5 31.86 9.24 -2.88
N LEU C 6 30.55 9.10 -3.08
CA LEU C 6 30.01 7.85 -3.60
C LEU C 6 30.38 7.65 -5.07
N TYR C 7 30.45 8.73 -5.83
CA TYR C 7 30.75 8.67 -7.27
C TYR C 7 31.89 9.63 -7.56
N PRO C 8 33.13 9.24 -7.27
CA PRO C 8 34.26 10.13 -7.56
C PRO C 8 34.42 10.46 -9.03
N ASP C 9 34.07 9.53 -9.92
CA ASP C 9 34.31 9.72 -11.35
C ASP C 9 33.22 10.52 -12.05
N SER C 10 32.15 10.89 -11.34
CA SER C 10 31.06 11.61 -11.98
C SER C 10 31.50 13.02 -12.34
N PRO C 11 31.36 13.44 -13.60
CA PRO C 11 31.75 14.82 -13.97
C PRO C 11 30.92 15.89 -13.27
N LEU C 12 29.65 15.61 -12.97
CA LEU C 12 28.79 16.61 -12.36
C LEU C 12 29.27 16.97 -10.96
N THR C 13 29.10 18.23 -10.59
CA THR C 13 29.49 18.68 -9.27
C THR C 13 28.32 18.54 -8.29
N ASP C 14 28.59 18.91 -7.03
CA ASP C 14 27.61 18.71 -5.96
C ASP C 14 26.34 19.52 -6.20
N GLN C 15 26.48 20.79 -6.58
CA GLN C 15 25.30 21.61 -6.79
C GLN C 15 24.46 21.10 -7.96
N ASP C 16 25.12 20.69 -9.04
CA ASP C 16 24.39 20.12 -10.16
C ASP C 16 23.69 18.83 -9.77
N PHE C 17 24.33 18.01 -8.93
CA PHE C 17 23.67 16.80 -8.46
C PHE C 17 22.44 17.12 -7.64
N ASN C 18 22.52 18.15 -6.78
CA ASN C 18 21.36 18.55 -5.99
C ASN C 18 20.22 19.01 -6.90
N GLN C 19 20.55 19.80 -7.92
CA GLN C 19 19.51 20.24 -8.87
C GLN C 19 18.89 19.06 -9.59
N LEU C 20 19.71 18.08 -9.99
CA LEU C 20 19.18 16.90 -10.67
C LEU C 20 18.23 16.13 -9.77
N ASP C 21 18.60 15.95 -8.50
CA ASP C 21 17.73 15.23 -7.57
C ASP C 21 16.42 15.97 -7.35
N GLN C 22 16.49 17.30 -7.21
CA GLN C 22 15.26 18.08 -7.01
C GLN C 22 14.35 17.98 -8.22
N THR C 23 14.92 18.07 -9.43
CA THR C 23 14.11 17.95 -10.63
C THR C 23 13.48 16.56 -10.72
N VAL C 24 14.21 15.52 -10.34
CA VAL C 24 13.67 14.18 -10.41
C VAL C 24 12.50 14.01 -9.45
N ILE C 25 12.64 14.48 -8.21
CA ILE C 25 11.58 14.27 -7.22
C ILE C 25 10.35 15.11 -7.55
N GLU C 26 10.57 16.32 -8.09
CA GLU C 26 9.45 17.24 -8.33
C GLU C 26 8.45 16.66 -9.32
N ALA C 27 8.93 16.01 -10.38
CA ALA C 27 8.02 15.43 -11.37
C ALA C 27 7.18 14.33 -10.75
N ALA C 28 7.78 13.47 -9.93
CA ALA C 28 7.05 12.37 -9.33
C ALA C 28 6.04 12.85 -8.29
N ARG C 29 6.35 13.96 -7.60
CA ARG C 29 5.46 14.45 -6.56
C ARG C 29 4.05 14.69 -7.10
N ARG C 30 3.93 15.31 -8.27
CA ARG C 30 2.61 15.55 -8.86
C ARG C 30 1.95 14.25 -9.28
N GLN C 31 2.71 13.34 -9.89
CA GLN C 31 2.12 12.16 -10.52
C GLN C 31 1.62 11.15 -9.49
N LEU C 32 2.33 11.00 -8.37
CA LEU C 32 1.95 9.99 -7.39
C LEU C 32 0.56 10.29 -6.82
N VAL C 33 -0.32 9.29 -6.85
CA VAL C 33 -1.69 9.46 -6.39
C VAL C 33 -2.11 8.43 -5.35
N GLY C 34 -1.53 7.22 -5.35
CA GLY C 34 -1.98 6.20 -4.43
C GLY C 34 -1.64 6.50 -2.98
N ARG C 35 -0.55 7.23 -2.75
CA ARG C 35 -0.07 7.46 -1.39
C ARG C 35 -0.94 8.42 -0.61
N ARG C 36 -1.91 9.08 -1.26
CA ARG C 36 -2.72 10.07 -0.56
C ARG C 36 -3.54 9.43 0.56
N PHE C 37 -4.14 8.27 0.32
CA PHE C 37 -5.02 7.65 1.30
C PHE C 37 -4.47 6.35 1.88
N ILE C 38 -3.21 6.02 1.64
CA ILE C 38 -2.59 4.81 2.15
C ILE C 38 -1.36 5.21 2.97
N GLU C 39 -1.21 4.58 4.14
CA GLU C 39 -0.07 4.83 5.01
C GLU C 39 1.17 4.17 4.43
N LEU C 40 2.30 4.26 5.13
CA LEU C 40 3.54 3.66 4.66
C LEU C 40 4.36 3.14 5.83
N TYR C 41 4.92 1.95 5.64
CA TYR C 41 5.85 1.40 6.62
C TYR C 41 7.19 2.10 6.52
N GLY C 42 7.88 2.23 7.66
CA GLY C 42 9.16 2.89 7.70
C GLY C 42 10.22 2.16 6.90
N PRO C 43 11.23 2.88 6.42
CA PRO C 43 12.30 2.25 5.64
C PRO C 43 13.01 1.17 6.45
N LEU C 44 13.12 -0.01 5.84
CA LEU C 44 13.67 -1.18 6.53
C LEU C 44 15.16 -1.39 6.27
N GLY C 45 15.77 -0.58 5.40
CA GLY C 45 17.15 -0.81 5.01
C GLY C 45 17.27 -1.89 3.97
N ARG C 46 18.51 -2.28 3.71
CA ARG C 46 18.81 -3.32 2.72
C ARG C 46 18.91 -4.71 3.33
N GLY C 47 18.66 -4.83 4.65
CA GLY C 47 18.82 -6.13 5.29
C GLY C 47 17.81 -7.15 4.84
N MET C 48 16.59 -6.73 4.56
CA MET C 48 15.49 -7.64 4.28
C MET C 48 15.14 -7.64 2.80
N GLN C 49 14.93 -8.84 2.25
CA GLN C 49 14.41 -9.01 0.90
C GLN C 49 13.03 -9.67 0.90
N SER C 50 12.46 -9.95 2.06
CA SER C 50 11.17 -10.62 2.15
C SER C 50 10.42 -10.11 3.38
N VAL C 51 9.09 -10.31 3.36
CA VAL C 51 8.22 -9.86 4.43
C VAL C 51 7.14 -10.92 4.66
N PHE C 52 6.56 -10.91 5.86
CA PHE C 52 5.54 -11.86 6.26
C PHE C 52 4.23 -11.13 6.53
N ASN C 53 3.12 -11.67 6.01
CA ASN C 53 1.81 -11.06 6.15
C ASN C 53 0.81 -12.08 6.68
N ASP C 54 -0.06 -11.63 7.57
CA ASP C 54 -1.09 -12.48 8.18
C ASP C 54 -2.46 -12.04 7.69
N ILE C 55 -3.24 -13.00 7.19
CA ILE C 55 -4.54 -12.72 6.59
C ILE C 55 -5.62 -13.30 7.50
N PHE C 56 -6.53 -12.44 7.95
CA PHE C 56 -7.70 -12.86 8.73
C PHE C 56 -8.91 -12.85 7.80
N MET C 57 -9.34 -14.04 7.37
CA MET C 57 -10.43 -14.12 6.41
C MET C 57 -11.73 -13.56 6.99
N GLU C 58 -12.03 -13.92 8.23
CA GLU C 58 -13.25 -13.45 8.90
C GLU C 58 -13.18 -13.67 10.40
N ALA C 84 -16.67 -12.33 23.88
CA ALA C 84 -16.89 -13.70 24.36
C ALA C 84 -16.44 -13.86 25.81
N LYS C 85 -16.66 -15.05 26.35
CA LYS C 85 -16.23 -15.39 27.71
C LYS C 85 -16.84 -14.44 28.74
N MET C 86 -18.16 -14.49 28.91
CA MET C 86 -18.87 -13.69 29.92
C MET C 86 -19.29 -14.62 31.05
N ASP C 87 -18.60 -14.53 32.18
CA ASP C 87 -18.86 -15.39 33.32
C ASP C 87 -18.17 -14.79 34.54
N PHE C 88 -18.19 -15.52 35.66
CA PHE C 88 -17.52 -15.06 36.86
C PHE C 88 -16.00 -15.27 36.74
N GLN C 89 -15.28 -14.75 37.74
CA GLN C 89 -13.82 -14.90 37.75
C GLN C 89 -13.45 -16.38 37.77
N GLY C 90 -12.43 -16.72 37.00
CA GLY C 90 -11.99 -18.09 36.91
C GLY C 90 -11.46 -18.40 35.53
N SER C 91 -11.37 -19.71 35.27
CA SER C 91 -11.01 -20.28 33.96
C SER C 91 -9.50 -20.22 33.77
N PHE C 92 -8.92 -21.28 33.19
CA PHE C 92 -7.49 -21.38 32.95
C PHE C 92 -7.25 -21.97 31.55
N ASP C 93 -7.25 -21.10 30.55
CA ASP C 93 -7.11 -21.52 29.16
C ASP C 93 -6.89 -20.29 28.29
N THR C 94 -6.38 -20.53 27.09
CA THR C 94 -6.15 -19.48 26.10
C THR C 94 -6.74 -19.89 24.77
N GLU C 95 -7.43 -18.97 24.10
CA GLU C 95 -8.05 -19.20 22.81
C GLU C 95 -7.53 -18.19 21.80
N VAL C 96 -7.05 -18.68 20.66
CA VAL C 96 -6.50 -17.86 19.60
C VAL C 96 -7.16 -18.24 18.29
N GLU C 97 -6.99 -17.40 17.28
CA GLU C 97 -7.55 -17.61 15.95
C GLU C 97 -6.43 -17.69 14.92
N SER C 98 -6.69 -18.44 13.84
CA SER C 98 -5.67 -18.67 12.82
C SER C 98 -5.35 -17.39 12.07
N SER C 99 -4.12 -17.32 11.54
CA SER C 99 -3.62 -16.12 10.90
C SER C 99 -3.27 -16.29 9.43
N ARG C 100 -3.15 -17.52 8.94
CA ARG C 100 -2.87 -17.79 7.53
C ARG C 100 -1.61 -17.07 7.06
N ARG C 101 -0.48 -17.47 7.65
CA ARG C 101 0.78 -16.82 7.36
C ARG C 101 1.21 -17.06 5.92
N VAL C 102 1.76 -16.02 5.29
CA VAL C 102 2.23 -16.08 3.90
C VAL C 102 3.48 -15.20 3.77
N ASN C 103 4.23 -15.41 2.69
CA ASN C 103 5.50 -14.75 2.47
C ASN C 103 5.51 -14.05 1.11
N TYR C 104 6.25 -12.95 1.02
CA TYR C 104 6.30 -12.10 -0.17
C TYR C 104 7.74 -11.71 -0.47
N THR C 105 7.98 -11.34 -1.73
CA THR C 105 9.30 -10.90 -2.20
C THR C 105 9.19 -9.50 -2.78
N ILE C 106 10.14 -8.63 -2.44
CA ILE C 106 10.14 -7.24 -2.88
C ILE C 106 10.69 -7.11 -4.30
N PRO C 107 9.94 -6.51 -5.23
CA PRO C 107 10.45 -6.30 -6.59
C PRO C 107 11.24 -5.00 -6.72
N MET C 108 11.83 -4.83 -7.90
CA MET C 108 12.65 -3.66 -8.22
C MET C 108 12.24 -3.07 -9.56
N LEU C 109 12.16 -1.74 -9.63
CA LEU C 109 11.82 -1.03 -10.85
C LEU C 109 12.90 0.01 -11.14
N TYR C 110 13.26 0.16 -12.42
CA TYR C 110 14.36 1.04 -12.78
C TYR C 110 14.12 1.67 -14.16
N LYS C 111 14.78 2.80 -14.39
CA LYS C 111 14.77 3.48 -15.68
C LYS C 111 16.04 4.32 -15.79
N ASP C 112 16.43 4.63 -17.03
CA ASP C 112 17.74 5.22 -17.31
C ASP C 112 17.65 6.33 -18.34
N PHE C 113 18.69 7.17 -18.36
CA PHE C 113 18.82 8.27 -19.32
C PHE C 113 20.29 8.54 -19.56
N VAL C 114 20.58 9.32 -20.61
CA VAL C 114 21.95 9.56 -21.05
C VAL C 114 22.16 11.06 -21.30
N LEU C 115 23.43 11.48 -21.26
CA LEU C 115 23.84 12.86 -21.47
C LEU C 115 24.92 12.91 -22.55
N TYR C 116 25.57 14.07 -22.68
CA TYR C 116 26.64 14.26 -23.67
C TYR C 116 27.72 15.14 -23.08
N TRP C 117 28.86 15.25 -23.78
CA TRP C 117 30.00 15.97 -23.23
C TRP C 117 30.23 17.33 -23.90
N ARG C 118 30.05 17.41 -25.22
CA ARG C 118 30.29 18.67 -25.91
C ARG C 118 29.34 19.75 -25.44
N ASP C 119 28.07 19.40 -25.21
CA ASP C 119 27.11 20.38 -24.71
C ASP C 119 27.49 20.89 -23.34
N LEU C 120 27.94 19.99 -22.46
CA LEU C 120 28.37 20.41 -21.13
C LEU C 120 29.56 21.36 -21.22
N GLU C 121 30.51 21.04 -22.09
CA GLU C 121 31.68 21.92 -22.25
C GLU C 121 31.26 23.29 -22.77
N GLN C 122 30.35 23.32 -23.76
CA GLN C 122 29.90 24.60 -24.29
C GLN C 122 29.19 25.42 -23.23
N SER C 123 28.35 24.77 -22.42
CA SER C 123 27.64 25.49 -21.36
C SER C 123 28.60 26.02 -20.31
N LYS C 124 29.62 25.24 -19.95
CA LYS C 124 30.62 25.73 -19.00
C LYS C 124 31.39 26.92 -19.57
N ALA C 125 31.70 26.87 -20.87
CA ALA C 125 32.43 27.97 -21.48
C ALA C 125 31.59 29.24 -21.53
N LEU C 126 30.29 29.11 -21.84
CA LEU C 126 29.42 30.27 -21.97
C LEU C 126 28.78 30.70 -20.66
N ASP C 127 29.05 29.99 -19.55
CA ASP C 127 28.50 30.32 -18.24
C ASP C 127 26.97 30.29 -18.26
N ILE C 128 26.42 29.23 -18.81
CA ILE C 128 24.97 29.03 -18.89
C ILE C 128 24.62 27.81 -18.04
N PRO C 129 23.55 27.83 -17.26
CA PRO C 129 23.21 26.66 -16.43
C PRO C 129 22.85 25.45 -17.27
N ILE C 130 23.17 24.28 -16.72
CA ILE C 130 22.97 23.01 -17.43
C ILE C 130 21.49 22.65 -17.47
N ASP C 131 21.12 21.81 -18.45
CA ASP C 131 19.75 21.37 -18.64
C ASP C 131 19.63 19.88 -18.32
N PHE C 132 18.57 19.51 -17.60
CA PHE C 132 18.33 18.13 -17.18
C PHE C 132 16.91 17.71 -17.51
N SER C 133 16.46 17.99 -18.74
CA SER C 133 15.06 17.76 -19.09
C SER C 133 14.72 16.27 -19.14
N VAL C 134 15.67 15.43 -19.53
CA VAL C 134 15.34 14.05 -19.88
C VAL C 134 14.81 13.27 -18.68
N ALA C 135 15.31 13.57 -17.47
CA ALA C 135 14.96 12.75 -16.31
C ALA C 135 13.47 12.77 -16.00
N ALA C 136 12.77 13.81 -16.48
CA ALA C 136 11.34 13.91 -16.23
C ALA C 136 10.58 12.74 -16.86
N ASN C 137 10.99 12.32 -18.06
CA ASN C 137 10.32 11.19 -18.71
C ASN C 137 10.46 9.92 -17.89
N ALA C 138 11.67 9.66 -17.38
CA ALA C 138 11.90 8.48 -16.56
C ALA C 138 11.08 8.52 -15.28
N ALA C 139 11.02 9.69 -14.63
CA ALA C 139 10.24 9.82 -13.41
C ALA C 139 8.76 9.54 -13.68
N ARG C 140 8.22 10.12 -14.76
CA ARG C 140 6.82 9.86 -15.10
C ARG C 140 6.58 8.39 -15.37
N ASP C 141 7.48 7.74 -16.10
CA ASP C 141 7.27 6.34 -16.47
C ASP C 141 7.32 5.43 -15.25
N VAL C 142 8.24 5.68 -14.31
CA VAL C 142 8.30 4.82 -13.13
C VAL C 142 7.10 5.06 -12.21
N ALA C 143 6.62 6.30 -12.13
CA ALA C 143 5.43 6.56 -11.33
C ALA C 143 4.21 5.86 -11.92
N PHE C 144 4.07 5.89 -13.26
CA PHE C 144 2.94 5.23 -13.88
C PHE C 144 2.98 3.71 -13.74
N LEU C 145 4.15 3.13 -13.47
CA LEU C 145 4.24 1.70 -13.20
C LEU C 145 3.98 1.37 -11.74
N GLU C 146 4.44 2.24 -10.83
CA GLU C 146 4.14 2.03 -9.41
C GLU C 146 2.64 2.09 -9.16
N ASP C 147 1.95 3.05 -9.77
CA ASP C 147 0.50 3.13 -9.60
C ASP C 147 -0.20 1.88 -10.12
N GLN C 148 0.21 1.39 -11.29
CA GLN C 148 -0.44 0.21 -11.85
C GLN C 148 -0.15 -1.03 -11.03
N MET C 149 1.06 -1.15 -10.49
CA MET C 149 1.38 -2.29 -9.63
C MET C 149 0.55 -2.26 -8.35
N ILE C 150 0.34 -1.07 -7.79
CA ILE C 150 -0.49 -0.97 -6.59
C ILE C 150 -1.93 -1.36 -6.90
N PHE C 151 -2.47 -0.86 -8.02
CA PHE C 151 -3.89 -1.08 -8.29
C PHE C 151 -4.20 -2.49 -8.76
N HIS C 152 -3.38 -3.05 -9.65
CA HIS C 152 -3.69 -4.32 -10.28
C HIS C 152 -2.79 -5.48 -9.86
N GLY C 153 -1.67 -5.21 -9.19
CA GLY C 153 -0.81 -6.29 -8.73
C GLY C 153 0.16 -6.75 -9.78
N SER C 154 1.02 -7.68 -9.37
CA SER C 154 2.09 -8.22 -10.21
C SER C 154 1.89 -9.72 -10.38
N LYS C 155 1.95 -10.19 -11.62
CA LYS C 155 1.69 -11.60 -11.89
C LYS C 155 2.86 -12.48 -11.48
N GLU C 156 4.10 -12.03 -11.74
CA GLU C 156 5.26 -12.90 -11.52
C GLU C 156 5.42 -13.28 -10.05
N PHE C 157 5.21 -12.34 -9.14
CA PHE C 157 5.35 -12.59 -7.72
C PHE C 157 4.03 -12.94 -7.04
N ASP C 158 2.94 -13.00 -7.80
CA ASP C 158 1.62 -13.39 -7.30
C ASP C 158 1.19 -12.49 -6.14
N ILE C 159 1.41 -11.19 -6.30
CA ILE C 159 0.99 -10.19 -5.32
C ILE C 159 -0.40 -9.71 -5.72
N PRO C 160 -1.41 -9.87 -4.86
CA PRO C 160 -2.77 -9.50 -5.24
C PRO C 160 -2.94 -7.99 -5.36
N GLY C 161 -3.92 -7.59 -6.17
CA GLY C 161 -4.26 -6.20 -6.37
C GLY C 161 -5.56 -5.86 -5.68
N LEU C 162 -5.83 -4.55 -5.62
CA LEU C 162 -7.00 -4.07 -4.88
C LEU C 162 -8.30 -4.63 -5.44
N MET C 163 -8.36 -4.85 -6.75
CA MET C 163 -9.54 -5.39 -7.38
C MET C 163 -9.49 -6.90 -7.56
N ASN C 164 -8.48 -7.58 -7.02
CA ASN C 164 -8.31 -9.01 -7.21
C ASN C 164 -8.38 -9.84 -5.93
N VAL C 165 -8.44 -9.20 -4.76
CA VAL C 165 -8.45 -9.95 -3.51
C VAL C 165 -9.78 -10.71 -3.38
N LYS C 166 -9.72 -11.90 -2.79
CA LYS C 166 -10.93 -12.67 -2.56
C LYS C 166 -11.74 -12.07 -1.41
N GLY C 167 -13.05 -12.30 -1.47
CA GLY C 167 -13.96 -11.71 -0.50
C GLY C 167 -13.97 -10.20 -0.54
N ARG C 168 -14.06 -9.64 -1.74
CA ARG C 168 -13.98 -8.20 -1.93
C ARG C 168 -15.34 -7.51 -1.88
N LEU C 169 -16.42 -8.26 -1.65
CA LEU C 169 -17.75 -7.69 -1.43
C LEU C 169 -18.19 -6.80 -2.61
N THR C 170 -18.35 -7.45 -3.77
CA THR C 170 -18.69 -6.74 -4.99
C THR C 170 -20.10 -6.16 -4.92
N HIS C 171 -20.34 -5.15 -5.75
CA HIS C 171 -21.66 -4.57 -5.94
C HIS C 171 -21.80 -4.15 -7.40
N LEU C 172 -23.04 -4.10 -7.88
CA LEU C 172 -23.33 -3.82 -9.28
C LEU C 172 -24.00 -2.46 -9.40
N ILE C 173 -23.73 -1.77 -10.50
CA ILE C 173 -24.20 -0.40 -10.69
C ILE C 173 -25.23 -0.36 -11.82
N GLY C 174 -25.83 0.82 -12.00
CA GLY C 174 -26.78 1.05 -13.06
C GLY C 174 -26.44 2.31 -13.85
N ASN C 175 -27.38 2.72 -14.68
CA ASN C 175 -27.19 3.92 -15.49
C ASN C 175 -27.05 5.15 -14.60
N TRP C 176 -26.09 6.01 -14.92
CA TRP C 176 -25.84 7.24 -14.17
C TRP C 176 -26.13 8.49 -14.99
N TYR C 177 -26.65 8.35 -16.21
CA TYR C 177 -26.84 9.51 -17.06
C TYR C 177 -28.03 10.36 -16.59
N GLU C 178 -29.09 9.74 -16.10
CA GLU C 178 -30.30 10.46 -15.73
C GLU C 178 -30.86 9.93 -14.42
N SER C 179 -31.69 10.75 -13.79
CA SER C 179 -32.46 10.48 -12.56
C SER C 179 -31.61 10.46 -11.30
N GLY C 180 -30.31 10.66 -11.41
CA GLY C 180 -29.48 10.76 -10.20
C GLY C 180 -29.50 9.52 -9.33
N ASN C 181 -29.21 8.36 -9.92
CA ASN C 181 -29.14 7.12 -9.15
C ASN C 181 -27.80 6.95 -8.45
N ALA C 182 -26.86 7.87 -8.66
CA ALA C 182 -25.54 7.75 -8.04
C ALA C 182 -25.63 7.80 -6.53
N PHE C 183 -26.48 8.68 -6.00
CA PHE C 183 -26.62 8.79 -4.55
C PHE C 183 -27.16 7.50 -3.95
N GLN C 184 -28.18 6.91 -4.58
CA GLN C 184 -28.73 5.65 -4.09
C GLN C 184 -27.69 4.54 -4.17
N ASP C 185 -26.91 4.50 -5.26
CA ASP C 185 -25.87 3.47 -5.36
C ASP C 185 -24.84 3.62 -4.24
N ILE C 186 -24.44 4.86 -3.95
CA ILE C 186 -23.46 5.09 -2.88
C ILE C 186 -24.05 4.66 -1.53
N VAL C 187 -25.31 4.99 -1.28
CA VAL C 187 -25.95 4.62 -0.01
C VAL C 187 -26.01 3.11 0.13
N GLU C 188 -26.43 2.41 -0.93
CA GLU C 188 -26.51 0.95 -0.86
C GLU C 188 -25.13 0.33 -0.67
N ALA C 189 -24.11 0.88 -1.33
CA ALA C 189 -22.76 0.36 -1.15
C ALA C 189 -22.28 0.53 0.29
N ARG C 190 -22.58 1.68 0.89
CA ARG C 190 -22.18 1.90 2.29
C ARG C 190 -22.96 1.00 3.23
N ASN C 191 -24.18 0.63 2.85
CA ASN C 191 -25.02 -0.19 3.71
C ASN C 191 -24.38 -1.55 3.98
N LYS C 192 -23.76 -2.15 2.97
CA LYS C 192 -23.15 -3.47 3.16
C LYS C 192 -21.99 -3.41 4.14
N LEU C 193 -21.14 -2.38 4.03
CA LEU C 193 -20.05 -2.22 4.99
C LEU C 193 -20.60 -1.97 6.40
N LEU C 194 -21.64 -1.16 6.51
CA LEU C 194 -22.24 -0.91 7.82
C LEU C 194 -22.76 -2.20 8.44
N GLU C 195 -23.40 -3.05 7.62
CA GLU C 195 -23.88 -4.33 8.13
C GLU C 195 -22.72 -5.23 8.54
N MET C 196 -21.65 -5.24 7.75
CA MET C 196 -20.47 -6.04 8.10
C MET C 196 -19.63 -5.41 9.21
N ASN C 197 -20.06 -4.28 9.77
CA ASN C 197 -19.50 -3.65 10.97
C ASN C 197 -18.19 -2.91 10.68
N HIS C 198 -17.93 -2.56 9.44
CA HIS C 198 -16.80 -1.72 9.08
C HIS C 198 -17.30 -0.29 8.86
N ASN C 199 -16.95 0.60 9.77
CA ASN C 199 -17.36 2.00 9.66
C ASN C 199 -16.14 2.92 9.74
N GLY C 200 -16.38 4.21 9.88
CA GLY C 200 -15.30 5.19 9.93
C GLY C 200 -15.06 5.82 8.57
N PRO C 201 -13.88 6.42 8.39
CA PRO C 201 -13.59 7.13 7.15
C PRO C 201 -13.55 6.19 5.94
N TYR C 202 -14.13 6.64 4.84
CA TYR C 202 -14.15 5.90 3.59
C TYR C 202 -13.49 6.73 2.50
N ALA C 203 -12.92 6.05 1.51
CA ALA C 203 -12.31 6.71 0.37
C ALA C 203 -12.84 6.08 -0.91
N LEU C 204 -13.17 6.92 -1.89
CA LEU C 204 -13.79 6.50 -3.13
C LEU C 204 -12.93 6.94 -4.31
N VAL C 205 -12.56 5.98 -5.17
CA VAL C 205 -11.79 6.25 -6.38
C VAL C 205 -12.60 5.75 -7.58
N LEU C 206 -12.79 6.62 -8.57
CA LEU C 206 -13.62 6.30 -9.72
C LEU C 206 -12.97 6.84 -11.00
N SER C 207 -13.45 6.32 -12.13
CA SER C 207 -12.88 6.69 -13.42
C SER C 207 -13.26 8.13 -13.79
N PRO C 208 -12.48 8.78 -14.65
CA PRO C 208 -12.78 10.18 -15.01
C PRO C 208 -14.15 10.36 -15.66
N GLU C 209 -14.61 9.37 -16.44
CA GLU C 209 -15.90 9.50 -17.09
C GLU C 209 -17.02 9.59 -16.07
N LEU C 210 -16.97 8.76 -15.02
CA LEU C 210 -17.98 8.85 -13.96
C LEU C 210 -17.75 10.10 -13.11
N TYR C 211 -16.50 10.51 -12.94
CA TYR C 211 -16.20 11.70 -12.15
C TYR C 211 -16.84 12.94 -12.78
N SER C 212 -16.85 13.02 -14.10
CA SER C 212 -17.43 14.18 -14.77
C SER C 212 -18.94 14.27 -14.55
N LEU C 213 -19.64 13.14 -14.61
CA LEU C 213 -21.11 13.16 -14.55
C LEU C 213 -21.64 13.59 -13.19
N LEU C 214 -20.82 13.51 -12.13
CA LEU C 214 -21.30 13.84 -10.79
C LEU C 214 -21.67 15.31 -10.64
N HIS C 215 -21.26 16.17 -11.57
CA HIS C 215 -21.55 17.59 -11.46
C HIS C 215 -22.99 17.94 -11.88
N ARG C 216 -23.79 16.97 -12.29
CA ARG C 216 -25.17 17.24 -12.66
C ARG C 216 -25.98 17.67 -11.44
N VAL C 217 -27.02 18.47 -11.70
CA VAL C 217 -27.87 18.99 -10.62
C VAL C 217 -28.72 17.87 -10.04
N HIS C 218 -28.92 17.91 -8.72
CA HIS C 218 -29.78 16.95 -8.06
C HIS C 218 -31.22 17.44 -8.11
N LYS C 219 -32.13 16.60 -8.62
CA LYS C 219 -33.51 17.01 -8.81
C LYS C 219 -34.22 17.21 -7.48
N ASP C 220 -35.06 18.25 -7.43
CA ASP C 220 -35.93 18.58 -6.29
C ASP C 220 -35.14 19.20 -5.14
N THR C 221 -33.81 19.18 -5.23
CA THR C 221 -32.98 19.87 -4.24
C THR C 221 -32.26 21.05 -4.87
N ASN C 222 -31.89 20.93 -6.15
CA ASN C 222 -31.22 21.95 -6.95
C ASN C 222 -29.79 22.23 -6.48
N VAL C 223 -29.14 21.27 -5.84
CA VAL C 223 -27.72 21.36 -5.54
C VAL C 223 -26.97 20.32 -6.36
N LEU C 224 -25.65 20.35 -6.32
CA LEU C 224 -24.86 19.37 -7.05
C LEU C 224 -24.72 18.09 -6.22
N GLU C 225 -24.87 16.95 -6.90
CA GLU C 225 -24.84 15.67 -6.18
C GLU C 225 -23.48 15.41 -5.55
N ILE C 226 -22.43 16.02 -6.08
CA ILE C 226 -21.11 15.86 -5.49
C ILE C 226 -21.09 16.41 -4.07
N GLU C 227 -21.81 17.51 -3.84
CA GLU C 227 -21.86 18.08 -2.50
C GLU C 227 -22.52 17.12 -1.51
N HIS C 228 -23.60 16.46 -1.94
CA HIS C 228 -24.25 15.47 -1.07
C HIS C 228 -23.34 14.28 -0.82
N VAL C 229 -22.62 13.83 -1.86
CA VAL C 229 -21.78 12.64 -1.72
C VAL C 229 -20.62 12.92 -0.78
N ARG C 230 -20.06 14.14 -0.82
CA ARG C 230 -18.93 14.46 0.04
C ARG C 230 -19.28 14.34 1.52
N GLU C 231 -20.53 14.68 1.87
CA GLU C 231 -20.95 14.59 3.26
C GLU C 231 -20.87 13.16 3.79
N LEU C 232 -21.30 12.19 2.98
CA LEU C 232 -21.20 10.79 3.38
C LEU C 232 -19.75 10.31 3.35
N ILE C 233 -19.00 10.70 2.32
CA ILE C 233 -17.66 10.17 2.13
C ILE C 233 -16.71 10.63 3.24
N THR C 234 -16.79 11.91 3.61
CA THR C 234 -15.96 12.51 4.66
C THR C 234 -14.47 12.42 4.36
N ALA C 235 -14.10 12.22 3.09
CA ALA C 235 -12.71 12.18 2.70
C ALA C 235 -12.61 12.59 1.24
N GLY C 236 -11.38 12.68 0.75
CA GLY C 236 -11.17 13.13 -0.62
C GLY C 236 -11.72 12.15 -1.63
N VAL C 237 -12.26 12.70 -2.73
CA VAL C 237 -12.70 11.92 -3.88
C VAL C 237 -11.82 12.30 -5.06
N PHE C 238 -11.15 11.32 -5.64
CA PHE C 238 -10.18 11.58 -6.71
C PHE C 238 -10.39 10.61 -7.87
N GLN C 239 -9.78 10.95 -9.00
CA GLN C 239 -9.85 10.15 -10.22
C GLN C 239 -8.44 9.71 -10.60
N SER C 240 -8.35 8.51 -11.18
CA SER C 240 -7.05 7.98 -11.60
C SER C 240 -7.13 7.44 -13.02
N PRO C 241 -6.09 7.66 -13.83
CA PRO C 241 -6.12 7.16 -15.21
C PRO C 241 -5.91 5.66 -15.34
N VAL C 242 -5.45 4.98 -14.29
CA VAL C 242 -5.17 3.54 -14.39
C VAL C 242 -6.45 2.78 -14.71
N LEU C 243 -7.56 3.13 -14.08
CA LEU C 243 -8.84 2.51 -14.41
C LEU C 243 -9.29 2.97 -15.78
N LYS C 244 -9.69 2.02 -16.63
CA LYS C 244 -10.07 2.32 -18.01
C LYS C 244 -11.58 2.32 -18.21
N GLY C 245 -12.26 1.24 -17.84
CA GLY C 245 -13.70 1.19 -17.97
C GLY C 245 -14.42 1.91 -16.86
N LYS C 246 -15.74 1.99 -16.99
CA LYS C 246 -16.56 2.58 -15.94
C LYS C 246 -16.54 1.68 -14.70
N SER C 247 -15.80 2.10 -13.68
CA SER C 247 -15.65 1.28 -12.49
C SER C 247 -15.18 2.16 -11.34
N GLY C 248 -15.32 1.64 -10.13
CA GLY C 248 -14.95 2.38 -8.93
C GLY C 248 -14.74 1.47 -7.75
N VAL C 249 -14.07 2.00 -6.73
CA VAL C 249 -13.74 1.26 -5.53
C VAL C 249 -13.92 2.16 -4.31
N ILE C 250 -14.50 1.62 -3.26
CA ILE C 250 -14.68 2.32 -1.98
C ILE C 250 -14.05 1.47 -0.89
N VAL C 251 -13.10 2.05 -0.15
CA VAL C 251 -12.31 1.32 0.83
C VAL C 251 -12.34 2.05 2.16
N ASN C 252 -12.48 1.30 3.25
CA ASN C 252 -12.36 1.89 4.58
C ASN C 252 -10.91 2.20 4.89
N THR C 253 -10.64 3.40 5.41
CA THR C 253 -9.27 3.89 5.55
C THR C 253 -8.83 3.81 7.00
N GLY C 254 -7.86 2.95 7.28
CA GLY C 254 -7.23 2.89 8.58
C GLY C 254 -6.05 1.95 8.53
N ARG C 255 -5.17 2.10 9.52
CA ARG C 255 -4.09 1.13 9.69
C ARG C 255 -4.68 -0.19 10.17
N ASN C 256 -3.90 -1.26 10.03
CA ASN C 256 -4.21 -2.63 10.38
C ASN C 256 -5.19 -3.25 9.40
N ASN C 257 -5.64 -2.52 8.39
CA ASN C 257 -6.39 -3.07 7.27
C ASN C 257 -5.53 -3.22 6.02
N LEU C 258 -4.73 -2.23 5.68
CA LEU C 258 -3.82 -2.31 4.55
C LEU C 258 -2.64 -1.38 4.80
N ASP C 259 -1.49 -1.71 4.20
CA ASP C 259 -0.29 -0.91 4.42
C ASP C 259 0.68 -1.10 3.26
N LEU C 260 1.61 -0.16 3.16
CA LEU C 260 2.62 -0.13 2.11
C LEU C 260 4.00 -0.13 2.74
N ALA C 261 4.86 -1.05 2.31
CA ALA C 261 6.21 -1.18 2.85
C ALA C 261 7.23 -0.84 1.79
N ILE C 262 8.09 0.14 2.08
CA ILE C 262 9.10 0.61 1.15
C ILE C 262 10.46 0.15 1.64
N SER C 263 11.34 -0.23 0.71
CA SER C 263 12.72 -0.56 1.07
C SER C 263 13.69 0.55 0.70
N GLU C 264 13.63 1.03 -0.53
CA GLU C 264 14.44 2.15 -0.97
C GLU C 264 13.56 3.13 -1.73
N ASP C 265 13.73 4.42 -1.43
CA ASP C 265 12.98 5.46 -2.10
C ASP C 265 13.59 5.75 -3.47
N PHE C 266 13.02 6.73 -4.18
CA PHE C 266 13.56 7.10 -5.48
C PHE C 266 15.01 7.54 -5.34
N GLU C 267 15.90 6.90 -6.11
CA GLU C 267 17.32 7.21 -6.03
C GLU C 267 17.92 7.13 -7.43
N THR C 268 18.94 7.96 -7.64
CA THR C 268 19.62 8.08 -8.93
C THR C 268 21.08 7.68 -8.77
N ALA C 269 21.58 6.86 -9.68
CA ALA C 269 22.96 6.40 -9.67
C ALA C 269 23.59 6.68 -11.04
N TYR C 270 24.92 6.84 -11.02
CA TYR C 270 25.69 7.12 -12.23
C TYR C 270 26.48 5.87 -12.61
N LEU C 271 26.21 5.34 -13.81
CA LEU C 271 26.91 4.14 -14.25
C LEU C 271 28.32 4.48 -14.74
N GLY C 272 29.12 3.45 -14.96
CA GLY C 272 30.45 3.66 -15.51
C GLY C 272 30.39 4.26 -16.90
N GLU C 273 31.24 5.25 -17.13
CA GLU C 273 31.24 5.96 -18.40
C GLU C 273 31.80 5.08 -19.51
N GLU C 274 31.20 5.18 -20.69
CA GLU C 274 31.68 4.49 -21.88
C GLU C 274 31.83 5.49 -23.02
N GLY C 275 32.87 5.30 -23.81
CA GLY C 275 33.19 6.29 -24.82
C GLY C 275 33.53 7.61 -24.15
N MET C 276 32.76 8.65 -24.47
CA MET C 276 32.91 9.94 -23.83
C MET C 276 31.64 10.41 -23.15
N ASN C 277 30.55 9.65 -23.21
CA ASN C 277 29.28 10.05 -22.64
C ASN C 277 29.12 9.45 -21.23
N HIS C 278 28.03 9.85 -20.56
CA HIS C 278 27.79 9.46 -19.17
C HIS C 278 26.36 8.95 -19.00
N PRO C 279 26.18 7.68 -18.62
CA PRO C 279 24.83 7.17 -18.39
C PRO C 279 24.40 7.17 -16.92
N PHE C 280 23.11 7.32 -16.67
CA PHE C 280 22.53 7.33 -15.33
C PHE C 280 21.35 6.38 -15.27
N ARG C 281 20.88 6.12 -14.05
CA ARG C 281 19.72 5.25 -13.82
C ARG C 281 19.00 5.70 -12.55
N VAL C 282 17.72 5.36 -12.45
CA VAL C 282 16.90 5.64 -11.26
C VAL C 282 16.25 4.34 -10.81
N TYR C 283 15.90 4.26 -9.53
CA TYR C 283 15.31 3.04 -9.00
C TYR C 283 14.63 3.28 -7.67
N GLU C 284 13.77 2.33 -7.28
CA GLU C 284 13.04 2.33 -6.02
C GLU C 284 12.38 0.97 -5.82
N THR C 285 12.11 0.62 -4.56
CA THR C 285 11.56 -0.68 -4.20
C THR C 285 10.42 -0.54 -3.19
N VAL C 286 9.27 -1.14 -3.49
CA VAL C 286 8.07 -0.98 -2.68
C VAL C 286 7.18 -2.20 -2.86
N VAL C 287 6.39 -2.52 -1.83
CA VAL C 287 5.45 -3.64 -1.84
C VAL C 287 4.23 -3.25 -1.01
N LEU C 288 3.15 -4.02 -1.19
CA LEU C 288 1.86 -3.74 -0.56
C LEU C 288 1.34 -4.96 0.19
N ARG C 289 0.66 -4.73 1.32
CA ARG C 289 0.05 -5.80 2.10
C ARG C 289 -1.37 -5.44 2.48
N ILE C 290 -2.26 -6.44 2.46
CA ILE C 290 -3.68 -6.26 2.80
C ILE C 290 -4.02 -7.32 3.84
N LYS C 291 -4.44 -6.89 5.03
CA LYS C 291 -4.76 -7.84 6.10
C LYS C 291 -6.22 -8.28 6.04
N ARG C 292 -7.14 -7.33 5.96
CA ARG C 292 -8.58 -7.63 5.99
C ARG C 292 -9.21 -7.40 4.63
N PRO C 293 -9.60 -8.46 3.91
CA PRO C 293 -10.19 -8.27 2.58
C PRO C 293 -11.58 -7.67 2.59
N ALA C 294 -12.25 -7.63 3.74
CA ALA C 294 -13.64 -7.23 3.82
C ALA C 294 -13.84 -5.73 4.02
N ALA C 295 -12.76 -4.95 4.02
CA ALA C 295 -12.86 -3.50 4.16
C ALA C 295 -13.02 -2.78 2.82
N ILE C 296 -13.11 -3.54 1.72
CA ILE C 296 -13.12 -2.98 0.37
C ILE C 296 -14.42 -3.38 -0.31
N CYS C 297 -14.92 -2.51 -1.20
CA CYS C 297 -16.06 -2.80 -2.05
C CYS C 297 -15.80 -2.27 -3.45
N THR C 298 -16.22 -3.05 -4.45
CA THR C 298 -15.94 -2.74 -5.85
C THR C 298 -17.26 -2.60 -6.61
N LEU C 299 -17.43 -1.48 -7.29
CA LEU C 299 -18.61 -1.24 -8.12
C LEU C 299 -18.31 -1.70 -9.55
N ILE C 300 -19.17 -2.55 -10.09
CA ILE C 300 -18.98 -3.14 -11.40
C ILE C 300 -20.13 -2.73 -12.31
N ASP C 301 -19.78 -2.34 -13.54
CA ASP C 301 -20.78 -2.09 -14.56
C ASP C 301 -21.41 -3.41 -15.02
N PRO C 302 -22.73 -3.46 -15.18
CA PRO C 302 -23.35 -4.70 -15.66
C PRO C 302 -22.85 -5.13 -17.04
N GLU C 303 -22.60 -4.17 -17.93
CA GLU C 303 -22.14 -4.53 -19.27
C GLU C 303 -20.69 -5.00 -19.26
N GLU C 304 -19.86 -4.39 -18.42
CA GLU C 304 -18.45 -4.75 -18.33
C GLU C 304 -18.28 -6.19 -17.85
N ASN D 2 2.77 -3.47 33.48
CA ASN D 2 2.48 -2.11 33.93
C ASN D 2 3.56 -1.61 34.87
N LYS D 3 4.39 -0.69 34.37
CA LYS D 3 5.45 0.00 35.10
C LYS D 3 6.64 -0.93 35.37
N SER D 4 6.50 -2.20 35.00
CA SER D 4 7.56 -3.21 35.02
C SER D 4 7.90 -3.69 36.42
N GLN D 5 7.33 -3.07 37.45
CA GLN D 5 7.51 -3.58 38.81
C GLN D 5 6.37 -4.50 39.21
N LEU D 6 5.14 -4.15 38.80
CA LEU D 6 4.00 -5.01 39.07
C LEU D 6 4.15 -6.36 38.36
N TYR D 7 4.73 -6.35 37.15
CA TYR D 7 4.87 -7.54 36.32
C TYR D 7 6.34 -7.73 35.95
N PRO D 8 7.12 -8.34 36.82
CA PRO D 8 8.46 -8.79 36.42
C PRO D 8 8.36 -10.05 35.57
N ASP D 9 9.51 -10.46 35.03
CA ASP D 9 9.63 -11.64 34.18
C ASP D 9 8.88 -11.49 32.86
N SER D 10 8.66 -10.26 32.41
CA SER D 10 7.93 -10.02 31.16
C SER D 10 8.89 -9.65 30.04
N PRO D 11 8.67 -10.16 28.83
CA PRO D 11 9.59 -9.81 27.72
C PRO D 11 9.45 -8.38 27.26
N LEU D 12 8.24 -7.85 27.17
CA LEU D 12 8.02 -6.49 26.70
C LEU D 12 8.58 -5.50 27.72
N THR D 13 9.11 -4.38 27.21
CA THR D 13 9.70 -3.38 28.07
C THR D 13 8.65 -2.36 28.51
N ASP D 14 9.06 -1.49 29.44
CA ASP D 14 8.15 -0.48 29.99
C ASP D 14 7.67 0.49 28.91
N GLN D 15 8.59 0.93 28.04
CA GLN D 15 8.20 1.87 26.99
C GLN D 15 7.20 1.24 26.02
N ASP D 16 7.39 -0.04 25.70
CA ASP D 16 6.45 -0.71 24.80
C ASP D 16 5.11 -0.99 25.47
N PHE D 17 5.12 -1.17 26.80
CA PHE D 17 3.86 -1.33 27.52
C PHE D 17 2.97 -0.11 27.35
N ASN D 18 3.55 1.08 27.32
CA ASN D 18 2.79 2.30 27.09
C ASN D 18 2.11 2.27 25.72
N GLN D 19 2.84 1.85 24.69
CA GLN D 19 2.24 1.73 23.36
C GLN D 19 1.11 0.70 23.36
N LEU D 20 1.31 -0.42 24.05
CA LEU D 20 0.28 -1.44 24.10
C LEU D 20 -1.00 -0.92 24.72
N ASP D 21 -0.90 -0.25 25.87
CA ASP D 21 -2.12 0.24 26.53
C ASP D 21 -2.76 1.37 25.73
N GLN D 22 -1.95 2.21 25.07
CA GLN D 22 -2.51 3.25 24.23
C GLN D 22 -3.30 2.66 23.07
N THR D 23 -2.75 1.64 22.42
CA THR D 23 -3.47 0.99 21.33
C THR D 23 -4.76 0.37 21.83
N VAL D 24 -4.72 -0.27 23.01
CA VAL D 24 -5.92 -0.91 23.54
C VAL D 24 -7.01 0.12 23.79
N ILE D 25 -6.68 1.22 24.46
CA ILE D 25 -7.72 2.20 24.79
C ILE D 25 -8.22 2.90 23.53
N GLU D 26 -7.33 3.20 22.58
CA GLU D 26 -7.76 3.85 21.35
C GLU D 26 -8.70 2.96 20.56
N ALA D 27 -8.40 1.66 20.48
CA ALA D 27 -9.30 0.75 19.78
C ALA D 27 -10.63 0.62 20.52
N ALA D 28 -10.59 0.56 21.86
CA ALA D 28 -11.82 0.37 22.63
C ALA D 28 -12.75 1.57 22.52
N ARG D 29 -12.17 2.78 22.39
CA ARG D 29 -12.99 3.99 22.43
C ARG D 29 -14.02 4.03 21.29
N ARG D 30 -13.60 3.65 20.08
CA ARG D 30 -14.43 3.91 18.91
C ARG D 30 -15.66 3.01 18.84
N GLN D 31 -15.54 1.77 19.31
CA GLN D 31 -16.56 0.75 19.07
C GLN D 31 -17.71 0.78 20.07
N LEU D 32 -17.72 1.71 21.02
CA LEU D 32 -18.75 1.76 22.05
C LEU D 32 -19.77 2.85 21.71
N VAL D 33 -21.04 2.45 21.65
CA VAL D 33 -22.12 3.39 21.35
C VAL D 33 -22.96 3.70 22.58
N GLY D 34 -23.22 2.69 23.42
CA GLY D 34 -24.15 2.87 24.52
C GLY D 34 -23.68 3.89 25.55
N ARG D 35 -22.37 3.94 25.79
CA ARG D 35 -21.84 4.83 26.82
C ARG D 35 -21.95 6.30 26.44
N ARG D 36 -22.29 6.60 25.18
CA ARG D 36 -22.36 7.99 24.76
C ARG D 36 -23.50 8.74 25.46
N PHE D 37 -24.69 8.13 25.53
CA PHE D 37 -25.86 8.84 26.04
C PHE D 37 -26.32 8.35 27.41
N ILE D 38 -25.50 7.58 28.13
CA ILE D 38 -25.85 7.09 29.46
C ILE D 38 -24.79 7.57 30.44
N GLU D 39 -25.23 8.08 31.59
CA GLU D 39 -24.31 8.58 32.60
C GLU D 39 -23.54 7.43 33.23
N LEU D 40 -22.49 7.77 33.97
CA LEU D 40 -21.60 6.77 34.56
C LEU D 40 -21.42 7.03 36.05
N TYR D 41 -21.69 6.00 36.85
CA TYR D 41 -21.38 6.07 38.28
C TYR D 41 -19.87 5.97 38.48
N GLY D 42 -19.35 6.72 39.45
CA GLY D 42 -17.94 6.75 39.72
C GLY D 42 -17.38 5.40 40.11
N PRO D 43 -16.11 5.15 39.79
CA PRO D 43 -15.50 3.86 40.15
C PRO D 43 -15.52 3.63 41.65
N LEU D 44 -15.83 2.40 42.05
CA LEU D 44 -15.97 2.04 43.45
C LEU D 44 -14.75 1.33 44.01
N GLY D 45 -13.74 1.05 43.19
CA GLY D 45 -12.64 0.23 43.63
C GLY D 45 -13.02 -1.24 43.64
N ARG D 46 -12.21 -2.04 44.33
CA ARG D 46 -12.45 -3.47 44.46
C ARG D 46 -13.19 -3.83 45.74
N GLY D 47 -13.58 -2.84 46.55
CA GLY D 47 -14.21 -3.15 47.82
C GLY D 47 -15.58 -3.78 47.69
N MET D 48 -16.36 -3.34 46.71
CA MET D 48 -17.75 -3.75 46.56
C MET D 48 -17.91 -4.77 45.45
N GLN D 49 -18.70 -5.81 45.70
CA GLN D 49 -19.04 -6.79 44.69
C GLN D 49 -20.54 -6.88 44.40
N SER D 50 -21.36 -6.06 45.06
CA SER D 50 -22.80 -6.10 44.85
C SER D 50 -23.37 -4.70 44.99
N VAL D 51 -24.55 -4.51 44.40
CA VAL D 51 -25.23 -3.21 44.42
C VAL D 51 -26.71 -3.43 44.72
N PHE D 52 -27.38 -2.35 45.11
CA PHE D 52 -28.81 -2.36 45.40
C PHE D 52 -29.53 -1.40 44.47
N ASN D 53 -30.76 -1.77 44.10
CA ASN D 53 -31.59 -0.99 43.19
C ASN D 53 -32.97 -0.83 43.78
N ASP D 54 -33.52 0.38 43.71
CA ASP D 54 -34.87 0.68 44.17
C ASP D 54 -35.74 1.02 42.98
N ILE D 55 -36.84 0.28 42.82
CA ILE D 55 -37.72 0.43 41.66
C ILE D 55 -39.01 1.10 42.13
N PHE D 56 -39.29 2.29 41.60
CA PHE D 56 -40.51 3.00 41.99
C PHE D 56 -41.74 2.39 41.31
N MET D 57 -41.61 2.02 40.04
CA MET D 57 -42.71 1.40 39.28
C MET D 57 -43.96 2.28 39.29
N GLU D 58 -43.88 3.42 38.60
CA GLU D 58 -45.00 4.34 38.44
C GLU D 58 -45.51 4.87 39.77
N GLY D 83 -49.10 12.59 46.75
CA GLY D 83 -49.25 13.85 46.05
C GLY D 83 -49.17 15.04 46.99
N ALA D 84 -48.84 16.20 46.44
CA ALA D 84 -48.75 17.42 47.25
C ALA D 84 -50.14 17.92 47.63
N LYS D 85 -50.22 18.57 48.77
CA LYS D 85 -51.47 19.15 49.27
C LYS D 85 -51.20 20.55 49.81
N MET D 86 -52.21 21.41 49.68
CA MET D 86 -52.08 22.82 50.07
C MET D 86 -52.90 23.07 51.32
N ASP D 87 -52.29 23.72 52.32
CA ASP D 87 -52.96 24.09 53.55
C ASP D 87 -52.45 25.45 54.00
N PHE D 88 -53.25 26.14 54.82
CA PHE D 88 -52.85 27.45 55.30
C PHE D 88 -51.63 27.37 56.21
N GLN D 89 -51.57 26.36 57.08
CA GLN D 89 -50.53 26.26 58.08
C GLN D 89 -49.73 24.96 58.03
N GLY D 90 -50.16 23.98 57.26
CA GLY D 90 -49.48 22.70 57.21
C GLY D 90 -50.19 21.64 58.04
N SER D 91 -49.50 20.51 58.20
CA SER D 91 -50.07 19.34 58.88
C SER D 91 -49.08 18.81 59.91
N PHE D 92 -49.61 17.96 60.80
CA PHE D 92 -48.84 17.34 61.87
C PHE D 92 -48.31 15.96 61.52
N ASP D 93 -48.51 15.49 60.29
CA ASP D 93 -48.15 14.12 59.91
C ASP D 93 -47.26 14.13 58.69
N THR D 94 -46.46 13.06 58.56
CA THR D 94 -45.51 12.90 57.47
C THR D 94 -45.87 11.65 56.68
N GLU D 95 -45.88 11.77 55.36
CA GLU D 95 -46.16 10.65 54.45
C GLU D 95 -45.06 10.53 53.42
N VAL D 96 -44.61 9.29 53.18
CA VAL D 96 -43.54 9.01 52.24
C VAL D 96 -44.00 7.94 51.27
N GLU D 97 -43.43 7.97 50.06
CA GLU D 97 -43.81 7.03 49.02
C GLU D 97 -43.09 5.69 49.20
N SER D 98 -43.74 4.62 48.75
CA SER D 98 -43.20 3.28 48.88
C SER D 98 -42.31 2.93 47.69
N SER D 99 -41.49 1.90 47.88
CA SER D 99 -40.58 1.44 46.85
C SER D 99 -40.18 0.00 47.13
N ARG D 100 -39.59 -0.65 46.12
CA ARG D 100 -39.16 -2.04 46.22
C ARG D 100 -37.66 -2.13 46.02
N ARG D 101 -37.01 -2.98 46.81
CA ARG D 101 -35.55 -3.08 46.86
C ARG D 101 -35.11 -4.45 46.31
N VAL D 102 -34.11 -4.43 45.43
CA VAL D 102 -33.53 -5.65 44.88
C VAL D 102 -32.01 -5.53 44.91
N ASN D 103 -31.34 -6.68 44.80
CA ASN D 103 -29.89 -6.76 44.86
C ASN D 103 -29.33 -7.35 43.57
N TYR D 104 -28.18 -6.84 43.13
CA TYR D 104 -27.54 -7.25 41.90
C TYR D 104 -26.06 -7.52 42.14
N THR D 105 -25.49 -8.37 41.29
CA THR D 105 -24.09 -8.76 41.35
C THR D 105 -23.39 -8.36 40.06
N ILE D 106 -22.07 -8.18 40.14
CA ILE D 106 -21.28 -7.64 39.04
C ILE D 106 -20.61 -8.80 38.30
N PRO D 107 -20.87 -9.00 37.02
CA PRO D 107 -20.15 -10.03 36.25
C PRO D 107 -18.79 -9.52 35.77
N MET D 108 -18.06 -10.42 35.11
CA MET D 108 -16.75 -10.11 34.55
C MET D 108 -16.69 -10.50 33.08
N LEU D 109 -16.01 -9.68 32.29
CA LEU D 109 -15.81 -9.92 30.86
C LEU D 109 -14.32 -9.91 30.56
N TYR D 110 -13.87 -10.87 29.74
CA TYR D 110 -12.44 -10.96 29.47
C TYR D 110 -12.21 -11.61 28.10
N LYS D 111 -11.01 -11.38 27.57
CA LYS D 111 -10.55 -11.98 26.32
C LYS D 111 -9.03 -12.03 26.36
N ASP D 112 -8.44 -12.91 25.55
CA ASP D 112 -7.01 -13.18 25.62
C ASP D 112 -6.39 -13.31 24.24
N PHE D 113 -5.08 -13.07 24.19
CA PHE D 113 -4.28 -13.19 22.97
C PHE D 113 -2.87 -13.63 23.33
N VAL D 114 -2.13 -14.12 22.33
CA VAL D 114 -0.81 -14.70 22.54
C VAL D 114 0.17 -14.10 21.54
N LEU D 115 1.42 -13.92 21.97
CA LEU D 115 2.52 -13.48 21.13
C LEU D 115 3.48 -14.63 20.87
N TYR D 116 4.46 -14.38 19.99
CA TYR D 116 5.43 -15.38 19.61
C TYR D 116 6.84 -14.86 19.82
N TRP D 117 7.78 -15.79 20.04
CA TRP D 117 9.13 -15.40 20.44
C TRP D 117 10.06 -15.17 19.25
N ARG D 118 9.87 -15.93 18.17
CA ARG D 118 10.77 -15.81 17.03
C ARG D 118 10.66 -14.43 16.39
N ASP D 119 9.44 -13.90 16.27
CA ASP D 119 9.25 -12.58 15.71
C ASP D 119 9.90 -11.51 16.59
N LEU D 120 9.78 -11.66 17.91
CA LEU D 120 10.41 -10.72 18.82
C LEU D 120 11.93 -10.74 18.66
N GLU D 121 12.51 -11.94 18.54
CA GLU D 121 13.96 -12.04 18.36
C GLU D 121 14.40 -11.39 17.06
N GLN D 122 13.64 -11.63 15.98
CA GLN D 122 13.97 -11.01 14.70
C GLN D 122 13.89 -9.49 14.78
N SER D 123 12.87 -8.98 15.47
CA SER D 123 12.76 -7.54 15.65
C SER D 123 13.93 -6.98 16.44
N LYS D 124 14.35 -7.68 17.48
CA LYS D 124 15.52 -7.25 18.24
C LYS D 124 16.77 -7.21 17.36
N ALA D 125 16.94 -8.23 16.51
CA ALA D 125 18.12 -8.30 15.67
C ALA D 125 18.12 -7.20 14.62
N LEU D 126 16.97 -6.90 14.03
CA LEU D 126 16.90 -5.99 12.89
C LEU D 126 16.46 -4.58 13.25
N ASP D 127 16.25 -4.27 14.53
CA ASP D 127 15.85 -2.94 14.97
C ASP D 127 14.57 -2.47 14.27
N ILE D 128 13.55 -3.32 14.29
CA ILE D 128 12.28 -3.04 13.65
C ILE D 128 11.18 -2.94 14.71
N PRO D 129 10.30 -1.94 14.63
CA PRO D 129 9.24 -1.80 15.64
C PRO D 129 8.25 -2.96 15.59
N ILE D 130 7.68 -3.28 16.76
CA ILE D 130 6.78 -4.43 16.88
C ILE D 130 5.34 -4.00 16.58
N ASP D 131 4.46 -5.00 16.43
CA ASP D 131 3.05 -4.81 16.09
C ASP D 131 2.16 -5.38 17.18
N PHE D 132 0.98 -4.78 17.34
CA PHE D 132 0.06 -5.13 18.42
C PHE D 132 -1.39 -5.17 17.96
N SER D 133 -1.66 -5.84 16.83
CA SER D 133 -3.00 -5.84 16.27
C SER D 133 -3.96 -6.73 17.06
N VAL D 134 -3.44 -7.79 17.67
CA VAL D 134 -4.29 -8.75 18.36
C VAL D 134 -4.95 -8.11 19.57
N ALA D 135 -4.24 -7.19 20.24
CA ALA D 135 -4.84 -6.48 21.36
C ALA D 135 -6.03 -5.65 20.91
N ALA D 136 -5.91 -4.96 19.77
CA ALA D 136 -7.02 -4.19 19.24
C ALA D 136 -8.20 -5.10 18.87
N ASN D 137 -7.90 -6.26 18.28
CA ASN D 137 -8.97 -7.20 17.95
C ASN D 137 -9.71 -7.67 19.19
N ALA D 138 -8.97 -8.01 20.25
CA ALA D 138 -9.61 -8.43 21.49
C ALA D 138 -10.43 -7.32 22.11
N ALA D 139 -9.92 -6.08 22.04
CA ALA D 139 -10.69 -4.94 22.55
C ALA D 139 -11.98 -4.77 21.80
N ARG D 140 -11.94 -4.92 20.47
CA ARG D 140 -13.17 -4.84 19.67
C ARG D 140 -14.16 -5.92 20.08
N ASP D 141 -13.69 -7.15 20.27
CA ASP D 141 -14.58 -8.24 20.62
C ASP D 141 -15.25 -8.01 21.97
N VAL D 142 -14.46 -7.60 22.97
CA VAL D 142 -15.04 -7.39 24.30
C VAL D 142 -16.00 -6.19 24.29
N ALA D 143 -15.67 -5.17 23.50
CA ALA D 143 -16.58 -4.02 23.38
C ALA D 143 -17.91 -4.44 22.75
N PHE D 144 -17.86 -5.31 21.74
CA PHE D 144 -19.10 -5.81 21.15
C PHE D 144 -19.91 -6.60 22.17
N LEU D 145 -19.25 -7.43 22.96
CA LEU D 145 -19.96 -8.22 23.97
C LEU D 145 -20.62 -7.32 25.01
N GLU D 146 -19.95 -6.24 25.41
CA GLU D 146 -20.53 -5.33 26.39
C GLU D 146 -21.82 -4.71 25.89
N ASP D 147 -21.84 -4.25 24.64
CA ASP D 147 -23.06 -3.68 24.08
C ASP D 147 -24.15 -4.74 23.95
N GLN D 148 -23.77 -5.97 23.59
CA GLN D 148 -24.75 -7.05 23.54
C GLN D 148 -25.41 -7.25 24.90
N MET D 149 -24.60 -7.29 25.96
CA MET D 149 -25.15 -7.47 27.31
C MET D 149 -26.05 -6.31 27.70
N ILE D 150 -25.64 -5.08 27.40
CA ILE D 150 -26.45 -3.92 27.77
C ILE D 150 -27.79 -3.94 27.07
N PHE D 151 -27.80 -4.24 25.77
CA PHE D 151 -29.05 -4.16 25.02
C PHE D 151 -29.98 -5.34 25.31
N HIS D 152 -29.42 -6.54 25.52
CA HIS D 152 -30.27 -7.72 25.65
C HIS D 152 -30.29 -8.34 27.04
N GLY D 153 -29.30 -8.08 27.87
CA GLY D 153 -29.31 -8.58 29.24
C GLY D 153 -28.71 -9.97 29.36
N SER D 154 -28.37 -10.32 30.60
CA SER D 154 -27.76 -11.61 30.92
C SER D 154 -28.75 -12.45 31.71
N LYS D 155 -29.07 -13.64 31.20
CA LYS D 155 -30.00 -14.52 31.89
C LYS D 155 -29.35 -15.22 33.07
N GLU D 156 -28.05 -15.55 32.95
CA GLU D 156 -27.37 -16.29 34.01
C GLU D 156 -27.36 -15.51 35.32
N PHE D 157 -27.05 -14.23 35.26
CA PHE D 157 -27.01 -13.38 36.45
C PHE D 157 -28.35 -12.73 36.76
N ASP D 158 -29.35 -12.93 35.90
CA ASP D 158 -30.71 -12.46 36.13
C ASP D 158 -30.79 -10.94 36.22
N ILE D 159 -30.22 -10.26 35.25
CA ILE D 159 -30.25 -8.80 35.16
C ILE D 159 -31.10 -8.42 33.95
N PRO D 160 -32.11 -7.57 34.10
CA PRO D 160 -32.96 -7.22 32.96
C PRO D 160 -32.26 -6.28 31.99
N GLY D 161 -32.83 -6.18 30.79
CA GLY D 161 -32.28 -5.34 29.75
C GLY D 161 -33.29 -4.30 29.29
N LEU D 162 -32.82 -3.42 28.43
CA LEU D 162 -33.67 -2.35 27.91
C LEU D 162 -34.86 -2.90 27.13
N MET D 163 -34.62 -3.92 26.30
CA MET D 163 -35.67 -4.41 25.42
C MET D 163 -36.76 -5.15 26.18
N ASN D 164 -36.39 -5.91 27.21
CA ASN D 164 -37.32 -6.77 27.94
C ASN D 164 -37.41 -6.30 29.40
N VAL D 165 -38.28 -5.33 29.65
CA VAL D 165 -38.56 -4.86 31.00
C VAL D 165 -40.07 -4.66 31.13
N LYS D 166 -40.55 -4.66 32.38
CA LYS D 166 -41.98 -4.53 32.64
C LYS D 166 -42.40 -3.07 32.55
N GLY D 167 -43.36 -2.77 31.67
CA GLY D 167 -43.85 -1.42 31.51
C GLY D 167 -43.01 -0.57 30.59
N ARG D 168 -42.85 -1.01 29.34
CA ARG D 168 -41.96 -0.36 28.39
C ARG D 168 -42.70 0.47 27.34
N LEU D 169 -44.03 0.56 27.42
CA LEU D 169 -44.83 1.43 26.54
C LEU D 169 -44.55 1.13 25.07
N THR D 170 -44.94 -0.08 24.65
CA THR D 170 -44.69 -0.52 23.29
C THR D 170 -45.52 0.26 22.29
N HIS D 171 -45.05 0.27 21.04
CA HIS D 171 -45.78 0.91 19.95
C HIS D 171 -45.61 0.05 18.71
N LEU D 172 -46.56 0.18 17.77
CA LEU D 172 -46.56 -0.59 16.54
C LEU D 172 -46.30 0.33 15.35
N ILE D 173 -45.42 -0.10 14.45
CA ILE D 173 -45.03 0.67 13.28
C ILE D 173 -45.40 -0.12 12.03
N GLY D 174 -45.85 0.57 10.99
CA GLY D 174 -46.18 -0.05 9.73
C GLY D 174 -45.50 0.66 8.57
N ASN D 175 -45.37 -0.06 7.46
CA ASN D 175 -44.85 0.49 6.20
C ASN D 175 -43.41 0.94 6.44
N TRP D 176 -43.12 2.25 6.49
CA TRP D 176 -41.81 2.89 6.62
C TRP D 176 -41.08 2.95 5.29
N TYR D 177 -41.71 2.53 4.19
CA TYR D 177 -41.13 2.66 2.87
C TYR D 177 -41.57 3.93 2.14
N GLU D 178 -42.77 4.44 2.44
CA GLU D 178 -43.34 5.55 1.67
C GLU D 178 -43.20 6.86 2.42
N SER D 179 -41.97 7.38 2.42
CA SER D 179 -41.66 8.78 2.78
C SER D 179 -42.16 9.08 4.18
N GLY D 180 -43.13 9.98 4.36
CA GLY D 180 -43.47 10.57 5.65
C GLY D 180 -44.09 9.62 6.65
N ASN D 181 -44.33 8.36 6.29
CA ASN D 181 -44.86 7.41 7.25
C ASN D 181 -43.90 7.21 8.42
N ALA D 182 -42.60 7.26 8.16
CA ALA D 182 -41.63 7.17 9.25
C ALA D 182 -41.74 8.38 10.18
N PHE D 183 -41.90 9.57 9.61
CA PHE D 183 -42.04 10.77 10.43
C PHE D 183 -43.30 10.71 11.29
N GLN D 184 -44.39 10.22 10.71
CA GLN D 184 -45.65 10.15 11.45
C GLN D 184 -45.54 9.24 12.67
N ASP D 185 -44.87 8.08 12.52
CA ASP D 185 -44.73 7.17 13.64
C ASP D 185 -43.89 7.78 14.75
N ILE D 186 -42.82 8.50 14.39
CA ILE D 186 -41.99 9.15 15.40
C ILE D 186 -42.79 10.22 16.14
N VAL D 187 -43.60 10.99 15.40
CA VAL D 187 -44.43 12.00 16.04
C VAL D 187 -45.40 11.37 17.03
N GLU D 188 -46.05 10.28 16.62
CA GLU D 188 -47.01 9.62 17.50
C GLU D 188 -46.33 9.06 18.74
N ALA D 189 -45.15 8.46 18.58
CA ALA D 189 -44.42 7.93 19.74
C ALA D 189 -44.03 9.04 20.70
N ARG D 190 -43.55 10.18 20.16
CA ARG D 190 -43.22 11.30 21.02
C ARG D 190 -44.45 11.81 21.76
N ASN D 191 -45.61 11.78 21.11
CA ASN D 191 -46.84 12.16 21.78
C ASN D 191 -47.14 11.26 22.97
N LYS D 192 -46.98 9.94 22.79
CA LYS D 192 -47.23 9.01 23.90
C LYS D 192 -46.25 9.24 25.03
N LEU D 193 -44.98 9.48 24.71
CA LEU D 193 -44.00 9.76 25.76
C LEU D 193 -44.33 11.05 26.49
N LEU D 194 -44.82 12.06 25.77
CA LEU D 194 -45.16 13.33 26.41
C LEU D 194 -46.39 13.19 27.31
N GLU D 195 -47.31 12.31 26.93
CA GLU D 195 -48.55 12.16 27.69
C GLU D 195 -48.32 11.77 29.14
N MET D 196 -47.26 11.01 29.44
CA MET D 196 -46.99 10.54 30.79
C MET D 196 -46.12 11.49 31.60
N ASN D 197 -46.20 12.80 31.31
CA ASN D 197 -45.43 13.82 32.03
C ASN D 197 -43.93 13.54 31.95
N HIS D 198 -43.46 13.17 30.76
CA HIS D 198 -42.04 12.97 30.49
C HIS D 198 -41.67 13.80 29.26
N ASN D 199 -41.33 15.07 29.48
CA ASN D 199 -40.92 15.97 28.42
C ASN D 199 -39.46 16.36 28.64
N GLY D 200 -38.62 16.05 27.67
CA GLY D 200 -37.20 16.34 27.76
C GLY D 200 -36.49 15.92 26.49
N PRO D 201 -35.16 16.01 26.49
CA PRO D 201 -34.40 15.49 25.35
C PRO D 201 -34.63 13.99 25.20
N TYR D 202 -34.73 13.55 23.94
CA TYR D 202 -34.98 12.16 23.62
C TYR D 202 -33.80 11.59 22.84
N ALA D 203 -33.53 10.31 23.05
CA ALA D 203 -32.48 9.60 22.34
C ALA D 203 -33.09 8.43 21.58
N LEU D 204 -32.76 8.33 20.29
CA LEU D 204 -33.34 7.33 19.40
C LEU D 204 -32.24 6.44 18.85
N VAL D 205 -32.45 5.12 18.95
CA VAL D 205 -31.54 4.12 18.41
C VAL D 205 -32.33 3.23 17.45
N LEU D 206 -31.78 3.01 16.25
CA LEU D 206 -32.47 2.28 15.18
C LEU D 206 -31.53 1.26 14.55
N SER D 207 -32.12 0.34 13.79
CA SER D 207 -31.36 -0.66 13.07
C SER D 207 -30.73 -0.06 11.81
N PRO D 208 -29.70 -0.72 11.25
CA PRO D 208 -29.04 -0.15 10.06
C PRO D 208 -29.96 0.04 8.87
N GLU D 209 -30.91 -0.86 8.64
CA GLU D 209 -31.81 -0.72 7.51
C GLU D 209 -32.70 0.51 7.65
N LEU D 210 -33.26 0.72 8.84
CA LEU D 210 -34.05 1.92 9.07
C LEU D 210 -33.20 3.18 9.01
N TYR D 211 -31.96 3.10 9.47
CA TYR D 211 -31.05 4.24 9.36
C TYR D 211 -30.82 4.61 7.90
N SER D 212 -30.65 3.61 7.05
CA SER D 212 -30.42 3.88 5.63
C SER D 212 -31.68 4.41 4.95
N LEU D 213 -32.85 3.89 5.33
CA LEU D 213 -34.08 4.26 4.62
C LEU D 213 -34.41 5.74 4.75
N LEU D 214 -34.02 6.38 5.84
CA LEU D 214 -34.43 7.76 6.10
C LEU D 214 -33.85 8.77 5.12
N HIS D 215 -32.84 8.39 4.34
CA HIS D 215 -32.11 9.36 3.52
C HIS D 215 -32.90 9.87 2.33
N ARG D 216 -34.03 9.25 2.00
CA ARG D 216 -34.84 9.70 0.87
C ARG D 216 -35.45 11.07 1.15
N VAL D 217 -35.81 11.78 0.06
CA VAL D 217 -36.38 13.11 0.18
C VAL D 217 -37.79 13.03 0.77
N HIS D 218 -38.19 14.09 1.48
CA HIS D 218 -39.46 14.12 2.20
C HIS D 218 -40.54 14.72 1.32
N LYS D 219 -41.04 13.89 0.40
CA LYS D 219 -42.19 14.24 -0.44
C LYS D 219 -42.01 15.59 -1.14
N ASP D 220 -42.93 16.52 -0.89
CA ASP D 220 -42.93 17.83 -1.52
C ASP D 220 -42.22 18.90 -0.71
N THR D 221 -41.70 18.56 0.47
CA THR D 221 -41.05 19.55 1.32
C THR D 221 -39.74 20.03 0.69
N ASN D 222 -39.20 19.25 -0.25
CA ASN D 222 -38.00 19.51 -1.05
C ASN D 222 -36.72 19.35 -0.22
N VAL D 223 -36.82 18.95 1.05
CA VAL D 223 -35.65 18.74 1.89
C VAL D 223 -35.63 17.27 2.32
N LEU D 224 -34.48 16.85 2.85
CA LEU D 224 -34.32 15.47 3.27
C LEU D 224 -35.13 15.18 4.53
N GLU D 225 -35.63 13.94 4.62
CA GLU D 225 -36.49 13.56 5.74
C GLU D 225 -35.70 13.43 7.04
N ILE D 226 -34.41 13.10 6.94
CA ILE D 226 -33.60 12.85 8.13
C ILE D 226 -33.47 14.12 8.96
N GLU D 227 -33.44 15.29 8.31
CA GLU D 227 -33.21 16.54 9.03
C GLU D 227 -34.34 16.85 9.99
N HIS D 228 -35.59 16.64 9.58
CA HIS D 228 -36.72 16.91 10.47
C HIS D 228 -36.71 15.99 11.68
N VAL D 229 -36.39 14.71 11.46
CA VAL D 229 -36.29 13.77 12.57
C VAL D 229 -35.20 14.19 13.53
N ARG D 230 -34.06 14.64 13.00
CA ARG D 230 -32.97 15.10 13.88
C ARG D 230 -33.39 16.33 14.67
N GLU D 231 -34.11 17.25 14.04
CA GLU D 231 -34.59 18.44 14.74
C GLU D 231 -35.55 18.06 15.87
N LEU D 232 -36.44 17.10 15.61
CA LEU D 232 -37.36 16.66 16.66
C LEU D 232 -36.62 15.97 17.80
N ILE D 233 -35.66 15.11 17.48
CA ILE D 233 -34.99 14.31 18.50
C ILE D 233 -34.10 15.20 19.38
N THR D 234 -33.27 16.03 18.76
CA THR D 234 -32.42 17.04 19.38
C THR D 234 -31.23 16.45 20.14
N ALA D 235 -31.10 15.13 20.23
CA ALA D 235 -29.94 14.52 20.87
C ALA D 235 -29.18 13.57 19.95
N GLY D 236 -29.55 13.50 18.67
CA GLY D 236 -28.83 12.68 17.73
C GLY D 236 -29.43 11.29 17.60
N VAL D 237 -29.14 10.66 16.46
CA VAL D 237 -29.63 9.33 16.14
C VAL D 237 -28.44 8.44 15.83
N PHE D 238 -28.43 7.24 16.40
CA PHE D 238 -27.32 6.30 16.25
C PHE D 238 -27.85 4.95 15.76
N GLN D 239 -26.95 4.15 15.20
CA GLN D 239 -27.26 2.81 14.72
C GLN D 239 -26.33 1.82 15.38
N SER D 240 -26.86 0.63 15.71
CA SER D 240 -26.07 -0.42 16.33
C SER D 240 -26.29 -1.74 15.61
N PRO D 241 -25.21 -2.50 15.40
CA PRO D 241 -25.36 -3.81 14.73
C PRO D 241 -26.04 -4.86 15.60
N VAL D 242 -26.22 -4.61 16.89
CA VAL D 242 -26.84 -5.60 17.77
C VAL D 242 -28.27 -5.89 17.33
N LEU D 243 -29.03 -4.84 17.02
CA LEU D 243 -30.39 -5.02 16.52
C LEU D 243 -30.36 -5.70 15.16
N LYS D 244 -31.24 -6.69 14.97
CA LYS D 244 -31.21 -7.52 13.78
C LYS D 244 -32.16 -7.06 12.68
N GLY D 245 -33.46 -7.01 12.96
CA GLY D 245 -34.43 -6.68 11.94
C GLY D 245 -34.91 -5.25 11.98
N LYS D 246 -36.19 -5.06 12.30
CA LYS D 246 -36.80 -3.74 12.41
C LYS D 246 -37.05 -3.47 13.88
N SER D 247 -36.17 -2.68 14.51
CA SER D 247 -36.27 -2.42 15.94
C SER D 247 -35.78 -1.01 16.24
N GLY D 248 -36.54 -0.30 17.08
CA GLY D 248 -36.15 1.03 17.51
C GLY D 248 -36.49 1.30 18.95
N VAL D 249 -35.64 2.08 19.63
CA VAL D 249 -35.87 2.43 21.04
C VAL D 249 -35.68 3.93 21.22
N ILE D 250 -36.63 4.56 21.89
CA ILE D 250 -36.57 5.99 22.20
C ILE D 250 -36.65 6.14 23.72
N VAL D 251 -35.66 6.82 24.29
CA VAL D 251 -35.51 6.91 25.73
C VAL D 251 -35.35 8.37 26.15
N ASN D 252 -35.97 8.73 27.27
CA ASN D 252 -35.72 10.04 27.88
C ASN D 252 -34.40 10.00 28.65
N THR D 253 -33.53 10.97 28.39
CA THR D 253 -32.29 11.05 29.13
C THR D 253 -32.53 11.66 30.51
N GLY D 254 -31.58 11.46 31.39
CA GLY D 254 -31.67 11.96 32.75
C GLY D 254 -30.92 11.06 33.72
N ARG D 255 -30.44 11.66 34.80
CA ARG D 255 -29.69 10.90 35.80
C ARG D 255 -30.57 9.87 36.49
N ASN D 256 -31.81 10.25 36.82
CA ASN D 256 -32.65 9.39 37.65
C ASN D 256 -33.14 8.17 36.87
N ASN D 257 -33.37 8.32 35.57
CA ASN D 257 -33.98 7.23 34.80
C ASN D 257 -33.06 6.02 34.71
N LEU D 258 -31.81 6.22 34.32
CA LEU D 258 -30.90 5.10 34.08
C LEU D 258 -29.52 5.45 34.65
N ASP D 259 -28.74 4.41 34.95
CA ASP D 259 -27.39 4.61 35.46
C ASP D 259 -26.55 3.40 35.13
N LEU D 260 -25.24 3.60 35.07
CA LEU D 260 -24.27 2.55 34.81
C LEU D 260 -23.21 2.58 35.90
N ALA D 261 -22.94 1.42 36.51
CA ALA D 261 -21.95 1.31 37.57
C ALA D 261 -20.81 0.42 37.12
N ILE D 262 -19.60 0.97 37.08
CA ILE D 262 -18.42 0.29 36.57
C ILE D 262 -17.49 0.01 37.75
N SER D 263 -17.19 -1.27 37.98
CA SER D 263 -16.29 -1.60 39.09
C SER D 263 -14.84 -1.30 38.73
N GLU D 264 -14.42 -1.69 37.52
CA GLU D 264 -13.09 -1.39 37.03
C GLU D 264 -13.14 -1.27 35.53
N ASP D 265 -12.25 -0.46 34.98
CA ASP D 265 -12.23 -0.20 33.54
C ASP D 265 -11.38 -1.25 32.82
N PHE D 266 -11.13 -1.01 31.54
CA PHE D 266 -10.32 -1.95 30.76
C PHE D 266 -8.91 -2.05 31.33
N GLU D 267 -8.45 -3.27 31.54
CA GLU D 267 -7.10 -3.49 32.04
C GLU D 267 -6.49 -4.72 31.38
N THR D 268 -5.16 -4.72 31.30
CA THR D 268 -4.39 -5.78 30.66
C THR D 268 -3.54 -6.50 31.70
N ALA D 269 -3.48 -7.82 31.62
CA ALA D 269 -2.71 -8.63 32.53
C ALA D 269 -1.88 -9.65 31.77
N TYR D 270 -0.73 -10.00 32.35
CA TYR D 270 0.20 -10.99 31.81
C TYR D 270 0.12 -12.25 32.67
N LEU D 271 -0.40 -13.34 32.10
CA LEU D 271 -0.68 -14.53 32.88
C LEU D 271 0.60 -15.22 33.35
N GLY D 272 1.58 -15.38 32.47
CA GLY D 272 2.76 -16.14 32.79
C GLY D 272 3.25 -16.95 31.62
N GLU D 273 4.49 -17.39 31.65
CA GLU D 273 5.09 -18.07 30.52
C GLU D 273 4.42 -19.41 30.25
N GLU D 274 4.43 -19.81 28.97
CA GLU D 274 3.93 -21.10 28.53
C GLU D 274 5.06 -21.78 27.78
N GLY D 275 4.77 -22.81 26.99
CA GLY D 275 5.83 -23.53 26.32
C GLY D 275 6.46 -22.71 25.22
N MET D 276 7.21 -21.68 25.63
CA MET D 276 8.00 -20.76 24.81
C MET D 276 7.17 -19.67 24.15
N ASN D 277 5.99 -19.36 24.69
CA ASN D 277 5.12 -18.30 24.20
C ASN D 277 4.61 -17.48 25.37
N HIS D 278 4.19 -16.24 25.08
CA HIS D 278 3.73 -15.33 26.11
C HIS D 278 2.27 -14.95 25.90
N PRO D 279 1.37 -15.41 26.79
CA PRO D 279 -0.05 -15.04 26.66
C PRO D 279 -0.44 -13.83 27.51
N PHE D 280 -1.40 -13.04 27.01
CA PHE D 280 -1.93 -11.88 27.72
C PHE D 280 -3.45 -11.93 27.71
N ARG D 281 -4.08 -11.13 28.58
CA ARG D 281 -5.53 -11.00 28.58
C ARG D 281 -5.97 -9.59 28.96
N VAL D 282 -7.23 -9.26 28.67
CA VAL D 282 -7.83 -7.97 28.99
C VAL D 282 -9.17 -8.21 29.66
N TYR D 283 -9.52 -7.35 30.62
CA TYR D 283 -10.75 -7.54 31.39
C TYR D 283 -11.36 -6.19 31.80
N GLU D 284 -12.67 -6.21 32.06
CA GLU D 284 -13.43 -5.05 32.50
C GLU D 284 -14.75 -5.51 33.11
N THR D 285 -15.28 -4.74 34.06
CA THR D 285 -16.49 -5.11 34.82
C THR D 285 -17.43 -3.93 34.96
N VAL D 286 -18.69 -4.12 34.54
CA VAL D 286 -19.69 -3.06 34.55
C VAL D 286 -21.08 -3.67 34.72
N VAL D 287 -22.04 -2.84 35.11
CA VAL D 287 -23.42 -3.26 35.35
C VAL D 287 -24.36 -2.07 35.08
N LEU D 288 -25.64 -2.38 34.84
CA LEU D 288 -26.64 -1.40 34.43
C LEU D 288 -27.79 -1.39 35.42
N ARG D 289 -28.35 -0.20 35.71
CA ARG D 289 -29.50 -0.04 36.58
C ARG D 289 -30.54 0.85 35.91
N ILE D 290 -31.81 0.43 35.97
CA ILE D 290 -32.92 1.15 35.37
C ILE D 290 -33.92 1.47 36.48
N LYS D 291 -33.98 2.73 36.92
CA LYS D 291 -34.81 3.07 38.06
C LYS D 291 -36.29 3.17 37.69
N ARG D 292 -36.61 3.83 36.59
CA ARG D 292 -38.00 4.06 36.19
C ARG D 292 -38.27 3.42 34.83
N PRO D 293 -39.14 2.42 34.74
CA PRO D 293 -39.36 1.76 33.45
C PRO D 293 -40.16 2.59 32.46
N ALA D 294 -40.98 3.52 32.94
CA ALA D 294 -41.90 4.24 32.06
C ALA D 294 -41.19 5.05 31.00
N ALA D 295 -39.93 5.45 31.26
CA ALA D 295 -39.23 6.34 30.33
C ALA D 295 -39.01 5.68 28.98
N ILE D 296 -38.63 4.41 28.97
CA ILE D 296 -38.26 3.73 27.73
C ILE D 296 -39.51 3.50 26.88
N CYS D 297 -39.36 3.64 25.56
CA CYS D 297 -40.40 3.26 24.61
C CYS D 297 -39.78 2.48 23.47
N THR D 298 -40.46 1.43 23.02
CA THR D 298 -39.98 0.56 21.97
C THR D 298 -40.94 0.57 20.80
N LEU D 299 -40.39 0.48 19.58
CA LEU D 299 -41.17 0.39 18.36
C LEU D 299 -41.10 -1.05 17.88
N ILE D 300 -42.03 -1.88 18.35
CA ILE D 300 -42.04 -3.28 17.95
C ILE D 300 -42.38 -3.39 16.47
N ASP D 301 -41.80 -4.39 15.82
CA ASP D 301 -42.05 -4.60 14.40
C ASP D 301 -43.48 -5.08 14.19
N PRO D 302 -44.00 -4.93 12.97
CA PRO D 302 -45.34 -5.49 12.67
C PRO D 302 -45.27 -7.00 12.54
N GLU D 303 -46.37 -7.61 12.09
CA GLU D 303 -46.42 -9.05 11.93
C GLU D 303 -45.25 -9.55 11.09
N GLU D 304 -44.55 -10.56 11.61
CA GLU D 304 -43.36 -11.07 10.96
C GLU D 304 -43.39 -12.59 10.87
#